data_1HZN
# 
_entry.id   1HZN 
# 
_audit_conform.dict_name       mmcif_pdbx.dic 
_audit_conform.dict_version    5.399 
_audit_conform.dict_location   http://mmcif.pdb.org/dictionaries/ascii/mmcif_pdbx.dic 
# 
loop_
_database_2.database_id 
_database_2.database_code 
_database_2.pdbx_database_accession 
_database_2.pdbx_DOI 
PDB   1HZN         pdb_00001hzn 10.2210/pdb1hzn/pdb 
RCSB  RCSB012722   ?            ?                   
WWPDB D_1000012722 ?            ?                   
# 
loop_
_pdbx_audit_revision_history.ordinal 
_pdbx_audit_revision_history.data_content_type 
_pdbx_audit_revision_history.major_revision 
_pdbx_audit_revision_history.minor_revision 
_pdbx_audit_revision_history.revision_date 
1 'Structure model' 1 0 2001-04-25 
2 'Structure model' 1 1 2008-04-27 
3 'Structure model' 1 2 2011-07-13 
4 'Structure model' 1 3 2022-02-23 
5 'Structure model' 1 4 2024-11-20 
# 
_pdbx_audit_revision_details.ordinal             1 
_pdbx_audit_revision_details.revision_ordinal    1 
_pdbx_audit_revision_details.data_content_type   'Structure model' 
_pdbx_audit_revision_details.provider            repository 
_pdbx_audit_revision_details.type                'Initial release' 
_pdbx_audit_revision_details.description         ? 
_pdbx_audit_revision_details.details             ? 
# 
loop_
_pdbx_audit_revision_group.ordinal 
_pdbx_audit_revision_group.revision_ordinal 
_pdbx_audit_revision_group.data_content_type 
_pdbx_audit_revision_group.group 
1 2 'Structure model' 'Version format compliance' 
2 3 'Structure model' 'Version format compliance' 
3 4 'Structure model' 'Data collection'           
4 4 'Structure model' 'Database references'       
5 4 'Structure model' 'Derived calculations'      
6 5 'Structure model' 'Data collection'           
7 5 'Structure model' 'Structure summary'         
# 
loop_
_pdbx_audit_revision_category.ordinal 
_pdbx_audit_revision_category.revision_ordinal 
_pdbx_audit_revision_category.data_content_type 
_pdbx_audit_revision_category.category 
1  4 'Structure model' database_2                
2  4 'Structure model' pdbx_nmr_spectrometer     
3  4 'Structure model' pdbx_struct_assembly      
4  4 'Structure model' pdbx_struct_oper_list     
5  4 'Structure model' struct_conn               
6  4 'Structure model' struct_site               
7  5 'Structure model' chem_comp_atom            
8  5 'Structure model' chem_comp_bond            
9  5 'Structure model' pdbx_entry_details        
10 5 'Structure model' pdbx_modification_feature 
# 
loop_
_pdbx_audit_revision_item.ordinal 
_pdbx_audit_revision_item.revision_ordinal 
_pdbx_audit_revision_item.data_content_type 
_pdbx_audit_revision_item.item 
1 4 'Structure model' '_database_2.pdbx_DOI'                
2 4 'Structure model' '_database_2.pdbx_database_accession' 
3 4 'Structure model' '_pdbx_nmr_spectrometer.model'        
4 4 'Structure model' '_struct_conn.pdbx_leaving_atom_flag' 
5 4 'Structure model' '_struct_site.pdbx_auth_asym_id'      
6 4 'Structure model' '_struct_site.pdbx_auth_comp_id'      
7 4 'Structure model' '_struct_site.pdbx_auth_seq_id'       
# 
_pdbx_database_status.status_code                     REL 
_pdbx_database_status.entry_id                        1HZN 
_pdbx_database_status.recvd_initial_deposition_date   2001-01-25 
_pdbx_database_status.deposit_site                    RCSB 
_pdbx_database_status.process_site                    RCSB 
_pdbx_database_status.SG_entry                        . 
_pdbx_database_status.pdb_format_compatible           Y 
_pdbx_database_status.status_code_mr                  ? 
_pdbx_database_status.status_code_sf                  ? 
_pdbx_database_status.status_code_cs                  ? 
_pdbx_database_status.status_code_nmr_data            ? 
_pdbx_database_status.methods_development_category    ? 
# 
loop_
_audit_author.name 
_audit_author.pdbx_ordinal 
'Giragossian, C.' 1 
'Mierke, D.F.'    2 
# 
_citation.id                        primary 
_citation.title                     
'Intermolecular interactions between cholecystokinin-8 and the third extracellular loop of the cholecystokinin A receptor.' 
_citation.journal_abbrev            Biochemistry 
_citation.journal_volume            40 
_citation.page_first                3804 
_citation.page_last                 3809 
_citation.year                      2001 
_citation.journal_id_ASTM           BICHAW 
_citation.country                   US 
_citation.journal_id_ISSN           0006-2960 
_citation.journal_id_CSD            0033 
_citation.book_publisher            ? 
_citation.pdbx_database_id_PubMed   11300760 
_citation.pdbx_database_id_DOI      10.1021/bi002659n 
# 
loop_
_citation_author.citation_id 
_citation_author.name 
_citation_author.ordinal 
_citation_author.identifier_ORCID 
primary 'Giragossian, C.' 1 ? 
primary 'Mierke, D.F.'    2 ? 
# 
_entity.id                         1 
_entity.type                       polymer 
_entity.src_method                 syn 
_entity.pdbx_description           'CHOLECYSTOKININ TYPE A RECEPTOR' 
_entity.formula_weight             3254.699 
_entity.pdbx_number_of_molecules   1 
_entity.pdbx_ec                    ? 
_entity.pdbx_mutation              ? 
_entity.pdbx_fragment              'RESIDUES 329-357' 
_entity.details                    ? 
# 
_entity_name_com.entity_id   1 
_entity_name_com.name        'CCK-A RECEPTOR' 
# 
_entity_poly.entity_id                      1 
_entity_poly.type                           'polypeptide(L)' 
_entity_poly.nstd_linkage                   no 
_entity_poly.nstd_monomer                   yes 
_entity_poly.pdbx_seq_one_letter_code       '(ACE)IFSANAWRAYDTASAERRLSGTPISFILL(NH2)' 
_entity_poly.pdbx_seq_one_letter_code_can   XIFSANAWRAYDTASAERRLSGTPISFILLX 
_entity_poly.pdbx_strand_id                 A 
_entity_poly.pdbx_target_identifier         ? 
# 
loop_
_entity_poly_seq.entity_id 
_entity_poly_seq.num 
_entity_poly_seq.mon_id 
_entity_poly_seq.hetero 
1 1  ACE n 
1 2  ILE n 
1 3  PHE n 
1 4  SER n 
1 5  ALA n 
1 6  ASN n 
1 7  ALA n 
1 8  TRP n 
1 9  ARG n 
1 10 ALA n 
1 11 TYR n 
1 12 ASP n 
1 13 THR n 
1 14 ALA n 
1 15 SER n 
1 16 ALA n 
1 17 GLU n 
1 18 ARG n 
1 19 ARG n 
1 20 LEU n 
1 21 SER n 
1 22 GLY n 
1 23 THR n 
1 24 PRO n 
1 25 ILE n 
1 26 SER n 
1 27 PHE n 
1 28 ILE n 
1 29 LEU n 
1 30 LEU n 
1 31 NH2 n 
# 
_pdbx_entity_src_syn.entity_id              1 
_pdbx_entity_src_syn.pdbx_src_id            1 
_pdbx_entity_src_syn.pdbx_alt_source_flag   sample 
_pdbx_entity_src_syn.pdbx_beg_seq_num       ? 
_pdbx_entity_src_syn.pdbx_end_seq_num       ? 
_pdbx_entity_src_syn.organism_scientific    ? 
_pdbx_entity_src_syn.organism_common_name   ? 
_pdbx_entity_src_syn.ncbi_taxonomy_id       ? 
_pdbx_entity_src_syn.details                'The peptide was synthesized using Solid-phase synthesis' 
# 
loop_
_chem_comp.id 
_chem_comp.type 
_chem_comp.mon_nstd_flag 
_chem_comp.name 
_chem_comp.pdbx_synonyms 
_chem_comp.formula 
_chem_comp.formula_weight 
ACE non-polymer         . 'ACETYL GROUP'  ? 'C2 H4 O'        44.053  
ALA 'L-peptide linking' y ALANINE         ? 'C3 H7 N O2'     89.093  
ARG 'L-peptide linking' y ARGININE        ? 'C6 H15 N4 O2 1' 175.209 
ASN 'L-peptide linking' y ASPARAGINE      ? 'C4 H8 N2 O3'    132.118 
ASP 'L-peptide linking' y 'ASPARTIC ACID' ? 'C4 H7 N O4'     133.103 
GLU 'L-peptide linking' y 'GLUTAMIC ACID' ? 'C5 H9 N O4'     147.129 
GLY 'peptide linking'   y GLYCINE         ? 'C2 H5 N O2'     75.067  
ILE 'L-peptide linking' y ISOLEUCINE      ? 'C6 H13 N O2'    131.173 
LEU 'L-peptide linking' y LEUCINE         ? 'C6 H13 N O2'    131.173 
NH2 non-polymer         . 'AMINO GROUP'   ? 'H2 N'           16.023  
PHE 'L-peptide linking' y PHENYLALANINE   ? 'C9 H11 N O2'    165.189 
PRO 'L-peptide linking' y PROLINE         ? 'C5 H9 N O2'     115.130 
SER 'L-peptide linking' y SERINE          ? 'C3 H7 N O3'     105.093 
THR 'L-peptide linking' y THREONINE       ? 'C4 H9 N O3'     119.119 
TRP 'L-peptide linking' y TRYPTOPHAN      ? 'C11 H12 N2 O2'  204.225 
TYR 'L-peptide linking' y TYROSINE        ? 'C9 H11 N O3'    181.189 
# 
loop_
_pdbx_poly_seq_scheme.asym_id 
_pdbx_poly_seq_scheme.entity_id 
_pdbx_poly_seq_scheme.seq_id 
_pdbx_poly_seq_scheme.mon_id 
_pdbx_poly_seq_scheme.ndb_seq_num 
_pdbx_poly_seq_scheme.pdb_seq_num 
_pdbx_poly_seq_scheme.auth_seq_num 
_pdbx_poly_seq_scheme.pdb_mon_id 
_pdbx_poly_seq_scheme.auth_mon_id 
_pdbx_poly_seq_scheme.pdb_strand_id 
_pdbx_poly_seq_scheme.pdb_ins_code 
_pdbx_poly_seq_scheme.hetero 
A 1 1  ACE 1  1  1  ACE ACE A . n 
A 1 2  ILE 2  2  2  ILE ILE A . n 
A 1 3  PHE 3  3  3  PHE PHE A . n 
A 1 4  SER 4  4  4  SER SER A . n 
A 1 5  ALA 5  5  5  ALA ALA A . n 
A 1 6  ASN 6  6  6  ASN ASN A . n 
A 1 7  ALA 7  7  7  ALA ALA A . n 
A 1 8  TRP 8  8  8  TRP TRP A . n 
A 1 9  ARG 9  9  9  ARG ARG A . n 
A 1 10 ALA 10 10 10 ALA ALA A . n 
A 1 11 TYR 11 11 11 TYR TYR A . n 
A 1 12 ASP 12 12 12 ASP ASP A . n 
A 1 13 THR 13 13 13 THR THR A . n 
A 1 14 ALA 14 14 14 ALA ALA A . n 
A 1 15 SER 15 15 15 SER SER A . n 
A 1 16 ALA 16 16 16 ALA ALA A . n 
A 1 17 GLU 17 17 17 GLU GLU A . n 
A 1 18 ARG 18 18 18 ARG ARG A . n 
A 1 19 ARG 19 19 19 ARG ARG A . n 
A 1 20 LEU 20 20 20 LEU LEU A . n 
A 1 21 SER 21 21 21 SER SER A . n 
A 1 22 GLY 22 22 22 GLY GLY A . n 
A 1 23 THR 23 23 23 THR THR A . n 
A 1 24 PRO 24 24 24 PRO PRO A . n 
A 1 25 ILE 25 25 25 ILE ILE A . n 
A 1 26 SER 26 26 26 SER SER A . n 
A 1 27 PHE 27 27 27 PHE PHE A . n 
A 1 28 ILE 28 28 28 ILE ILE A . n 
A 1 29 LEU 29 29 29 LEU LEU A . n 
A 1 30 LEU 30 30 30 LEU LEU A . n 
A 1 31 NH2 31 31 31 NH2 NH2 A . n 
# 
_cell.entry_id           1HZN 
_cell.length_a           1.000 
_cell.length_b           1.000 
_cell.length_c           1.000 
_cell.angle_alpha        90.00 
_cell.angle_beta         90.00 
_cell.angle_gamma        90.00 
_cell.Z_PDB              1 
_cell.pdbx_unique_axis   ? 
# 
_symmetry.entry_id                         1HZN 
_symmetry.space_group_name_H-M             'P 1' 
_symmetry.pdbx_full_space_group_name_H-M   ? 
_symmetry.cell_setting                     ? 
_symmetry.Int_Tables_number                1 
# 
_exptl.entry_id          1HZN 
_exptl.method            'SOLUTION NMR' 
_exptl.crystals_number   ? 
# 
_struct.entry_id                  1HZN 
_struct.title                     'NMR SOLUTION STRUCTURE OF THE THIRD EXTRACELLULAR LOOP OF THE CHOLECYSTOKININ A RECEPTOR' 
_struct.pdbx_model_details        ? 
_struct.pdbx_CASP_flag            ? 
_struct.pdbx_model_type_details   ? 
# 
_struct_keywords.entry_id        1HZN 
_struct_keywords.pdbx_keywords   'HORMONE/GROWTH FACTOR' 
_struct_keywords.text            'HORMONE/GROWTH FACTOR, HORMONE-GROWTH FACTOR complex' 
# 
_struct_asym.id                            A 
_struct_asym.pdbx_blank_PDB_chainid_flag   N 
_struct_asym.pdbx_modified                 N 
_struct_asym.entity_id                     1 
_struct_asym.details                       ? 
# 
_struct_ref.id                         1 
_struct_ref.db_name                    UNP 
_struct_ref.db_code                    CCKAR_HUMAN 
_struct_ref.entity_id                  1 
_struct_ref.pdbx_seq_one_letter_code   IFSANAWRAYDTASAERRLSGTPISFILL 
_struct_ref.pdbx_align_begin           329 
_struct_ref.pdbx_db_accession          P32238 
_struct_ref.pdbx_db_isoform            ? 
# 
_struct_ref_seq.align_id                      1 
_struct_ref_seq.ref_id                        1 
_struct_ref_seq.pdbx_PDB_id_code              1HZN 
_struct_ref_seq.pdbx_strand_id                A 
_struct_ref_seq.seq_align_beg                 2 
_struct_ref_seq.pdbx_seq_align_beg_ins_code   ? 
_struct_ref_seq.seq_align_end                 30 
_struct_ref_seq.pdbx_seq_align_end_ins_code   ? 
_struct_ref_seq.pdbx_db_accession             P32238 
_struct_ref_seq.db_align_beg                  329 
_struct_ref_seq.pdbx_db_align_beg_ins_code    ? 
_struct_ref_seq.db_align_end                  357 
_struct_ref_seq.pdbx_db_align_end_ins_code    ? 
_struct_ref_seq.pdbx_auth_seq_align_beg       2 
_struct_ref_seq.pdbx_auth_seq_align_end       30 
# 
_pdbx_struct_assembly.id                   1 
_pdbx_struct_assembly.details              author_defined_assembly 
_pdbx_struct_assembly.method_details       ? 
_pdbx_struct_assembly.oligomeric_details   monomeric 
_pdbx_struct_assembly.oligomeric_count     1 
# 
_pdbx_struct_assembly_gen.assembly_id       1 
_pdbx_struct_assembly_gen.oper_expression   1 
_pdbx_struct_assembly_gen.asym_id_list      A 
# 
_pdbx_struct_oper_list.id                   1 
_pdbx_struct_oper_list.type                 'identity operation' 
_pdbx_struct_oper_list.name                 1_555 
_pdbx_struct_oper_list.symmetry_operation   x,y,z 
_pdbx_struct_oper_list.matrix[1][1]         1.0000000000 
_pdbx_struct_oper_list.matrix[1][2]         0.0000000000 
_pdbx_struct_oper_list.matrix[1][3]         0.0000000000 
_pdbx_struct_oper_list.vector[1]            0.0000000000 
_pdbx_struct_oper_list.matrix[2][1]         0.0000000000 
_pdbx_struct_oper_list.matrix[2][2]         1.0000000000 
_pdbx_struct_oper_list.matrix[2][3]         0.0000000000 
_pdbx_struct_oper_list.vector[2]            0.0000000000 
_pdbx_struct_oper_list.matrix[3][1]         0.0000000000 
_pdbx_struct_oper_list.matrix[3][2]         0.0000000000 
_pdbx_struct_oper_list.matrix[3][3]         1.0000000000 
_pdbx_struct_oper_list.vector[3]            0.0000000000 
# 
_struct_biol.id   1 
# 
loop_
_struct_conf.conf_type_id 
_struct_conf.id 
_struct_conf.pdbx_PDB_helix_id 
_struct_conf.beg_label_comp_id 
_struct_conf.beg_label_asym_id 
_struct_conf.beg_label_seq_id 
_struct_conf.pdbx_beg_PDB_ins_code 
_struct_conf.end_label_comp_id 
_struct_conf.end_label_asym_id 
_struct_conf.end_label_seq_id 
_struct_conf.pdbx_end_PDB_ins_code 
_struct_conf.beg_auth_comp_id 
_struct_conf.beg_auth_asym_id 
_struct_conf.beg_auth_seq_id 
_struct_conf.end_auth_comp_id 
_struct_conf.end_auth_asym_id 
_struct_conf.end_auth_seq_id 
_struct_conf.pdbx_PDB_helix_class 
_struct_conf.details 
_struct_conf.pdbx_PDB_helix_length 
HELX_P HELX_P1 1 ALA A 7  ? THR A 13 ? ALA A 7  THR A 13 1 ? 7 
HELX_P HELX_P2 2 PRO A 24 ? LEU A 29 ? PRO A 24 LEU A 29 1 ? 6 
# 
_struct_conf_type.id          HELX_P 
_struct_conf_type.criteria    ? 
_struct_conf_type.reference   ? 
# 
loop_
_struct_conn.id 
_struct_conn.conn_type_id 
_struct_conn.pdbx_leaving_atom_flag 
_struct_conn.pdbx_PDB_id 
_struct_conn.ptnr1_label_asym_id 
_struct_conn.ptnr1_label_comp_id 
_struct_conn.ptnr1_label_seq_id 
_struct_conn.ptnr1_label_atom_id 
_struct_conn.pdbx_ptnr1_label_alt_id 
_struct_conn.pdbx_ptnr1_PDB_ins_code 
_struct_conn.pdbx_ptnr1_standard_comp_id 
_struct_conn.ptnr1_symmetry 
_struct_conn.ptnr2_label_asym_id 
_struct_conn.ptnr2_label_comp_id 
_struct_conn.ptnr2_label_seq_id 
_struct_conn.ptnr2_label_atom_id 
_struct_conn.pdbx_ptnr2_label_alt_id 
_struct_conn.pdbx_ptnr2_PDB_ins_code 
_struct_conn.ptnr1_auth_asym_id 
_struct_conn.ptnr1_auth_comp_id 
_struct_conn.ptnr1_auth_seq_id 
_struct_conn.ptnr2_auth_asym_id 
_struct_conn.ptnr2_auth_comp_id 
_struct_conn.ptnr2_auth_seq_id 
_struct_conn.ptnr2_symmetry 
_struct_conn.pdbx_ptnr3_label_atom_id 
_struct_conn.pdbx_ptnr3_label_seq_id 
_struct_conn.pdbx_ptnr3_label_comp_id 
_struct_conn.pdbx_ptnr3_label_asym_id 
_struct_conn.pdbx_ptnr3_label_alt_id 
_struct_conn.pdbx_ptnr3_PDB_ins_code 
_struct_conn.details 
_struct_conn.pdbx_dist_value 
_struct_conn.pdbx_value_order 
_struct_conn.pdbx_role 
covale1 covale both ? A ACE 1  C ? ? ? 1_555 A ILE 2  N ? ? A ACE 1  A ILE 2  1_555 ? ? ? ? ? ? ? 1.345 ? ? 
covale2 covale both ? A LEU 30 C ? ? ? 1_555 A NH2 31 N ? ? A LEU 30 A NH2 31 1_555 ? ? ? ? ? ? ? 1.324 ? ? 
# 
_struct_conn_type.id          covale 
_struct_conn_type.criteria    ? 
_struct_conn_type.reference   ? 
# 
loop_
_pdbx_modification_feature.ordinal 
_pdbx_modification_feature.label_comp_id 
_pdbx_modification_feature.label_asym_id 
_pdbx_modification_feature.label_seq_id 
_pdbx_modification_feature.label_alt_id 
_pdbx_modification_feature.modified_residue_label_comp_id 
_pdbx_modification_feature.modified_residue_label_asym_id 
_pdbx_modification_feature.modified_residue_label_seq_id 
_pdbx_modification_feature.modified_residue_label_alt_id 
_pdbx_modification_feature.auth_comp_id 
_pdbx_modification_feature.auth_asym_id 
_pdbx_modification_feature.auth_seq_id 
_pdbx_modification_feature.PDB_ins_code 
_pdbx_modification_feature.symmetry 
_pdbx_modification_feature.modified_residue_auth_comp_id 
_pdbx_modification_feature.modified_residue_auth_asym_id 
_pdbx_modification_feature.modified_residue_auth_seq_id 
_pdbx_modification_feature.modified_residue_PDB_ins_code 
_pdbx_modification_feature.modified_residue_symmetry 
_pdbx_modification_feature.comp_id_linking_atom 
_pdbx_modification_feature.modified_residue_id_linking_atom 
_pdbx_modification_feature.modified_residue_id 
_pdbx_modification_feature.ref_pcm_id 
_pdbx_modification_feature.ref_comp_id 
_pdbx_modification_feature.type 
_pdbx_modification_feature.category 
1 ACE A 1  ? ILE A 2  ? ACE A 1  ? 1_555 ILE A 2  ? 1_555 . . ILE 3  ACE None 'Terminal acetylation' 
2 NH2 A 31 ? LEU A 30 ? NH2 A 31 ? 1_555 LEU A 30 ? 1_555 . . LEU 14 NH2 None 'Terminal amidation'   
# 
loop_
_struct_site.id 
_struct_site.pdbx_evidence_code 
_struct_site.pdbx_auth_asym_id 
_struct_site.pdbx_auth_comp_id 
_struct_site.pdbx_auth_seq_id 
_struct_site.pdbx_auth_ins_code 
_struct_site.pdbx_num_residues 
_struct_site.details 
AC1 Software A ACE 1  ? 1 'BINDING SITE FOR RESIDUE ACE A 1'  
AC2 Software A NH2 31 ? 1 'BINDING SITE FOR RESIDUE NH2 A 31' 
# 
loop_
_struct_site_gen.id 
_struct_site_gen.site_id 
_struct_site_gen.pdbx_num_res 
_struct_site_gen.label_comp_id 
_struct_site_gen.label_asym_id 
_struct_site_gen.label_seq_id 
_struct_site_gen.pdbx_auth_ins_code 
_struct_site_gen.auth_comp_id 
_struct_site_gen.auth_asym_id 
_struct_site_gen.auth_seq_id 
_struct_site_gen.label_atom_id 
_struct_site_gen.label_alt_id 
_struct_site_gen.symmetry 
_struct_site_gen.details 
1 AC1 1 ALA A 5  ? ALA A 5  . ? 1_555 ? 
2 AC2 1 LEU A 30 ? LEU A 30 . ? 1_555 ? 
# 
_pdbx_entry_details.entry_id                   1HZN 
_pdbx_entry_details.compound_details           ? 
_pdbx_entry_details.source_details             ? 
_pdbx_entry_details.nonpolymer_details         ? 
_pdbx_entry_details.sequence_details           ? 
_pdbx_entry_details.has_ligand_of_interest     ? 
_pdbx_entry_details.has_protein_modification   Y 
# 
loop_
_pdbx_validate_rmsd_angle.id 
_pdbx_validate_rmsd_angle.PDB_model_num 
_pdbx_validate_rmsd_angle.auth_atom_id_1 
_pdbx_validate_rmsd_angle.auth_asym_id_1 
_pdbx_validate_rmsd_angle.auth_comp_id_1 
_pdbx_validate_rmsd_angle.auth_seq_id_1 
_pdbx_validate_rmsd_angle.PDB_ins_code_1 
_pdbx_validate_rmsd_angle.label_alt_id_1 
_pdbx_validate_rmsd_angle.auth_atom_id_2 
_pdbx_validate_rmsd_angle.auth_asym_id_2 
_pdbx_validate_rmsd_angle.auth_comp_id_2 
_pdbx_validate_rmsd_angle.auth_seq_id_2 
_pdbx_validate_rmsd_angle.PDB_ins_code_2 
_pdbx_validate_rmsd_angle.label_alt_id_2 
_pdbx_validate_rmsd_angle.auth_atom_id_3 
_pdbx_validate_rmsd_angle.auth_asym_id_3 
_pdbx_validate_rmsd_angle.auth_comp_id_3 
_pdbx_validate_rmsd_angle.auth_seq_id_3 
_pdbx_validate_rmsd_angle.PDB_ins_code_3 
_pdbx_validate_rmsd_angle.label_alt_id_3 
_pdbx_validate_rmsd_angle.angle_value 
_pdbx_validate_rmsd_angle.angle_target_value 
_pdbx_validate_rmsd_angle.angle_deviation 
_pdbx_validate_rmsd_angle.angle_standard_deviation 
_pdbx_validate_rmsd_angle.linker_flag 
1 1 NE A ARG 9  ? ? CZ A ARG 9  ? ? NH1 A ARG 9  ? ? 124.18 120.30 3.88 0.50 N 
2 1 NE A ARG 18 ? ? CZ A ARG 18 ? ? NH1 A ARG 18 ? ? 124.07 120.30 3.77 0.50 N 
3 1 NE A ARG 19 ? ? CZ A ARG 19 ? ? NH1 A ARG 19 ? ? 123.93 120.30 3.63 0.50 N 
# 
loop_
_pdbx_validate_torsion.id 
_pdbx_validate_torsion.PDB_model_num 
_pdbx_validate_torsion.auth_comp_id 
_pdbx_validate_torsion.auth_asym_id 
_pdbx_validate_torsion.auth_seq_id 
_pdbx_validate_torsion.PDB_ins_code 
_pdbx_validate_torsion.label_alt_id 
_pdbx_validate_torsion.phi 
_pdbx_validate_torsion.psi 
1 1 ALA A 7  ? ? -116.03 -85.35 
2 1 ARG A 18 ? ? 73.59   77.26  
3 1 LEU A 20 ? ? 81.25   -41.29 
4 1 SER A 21 ? ? 77.65   -48.51 
5 1 LEU A 29 ? ? -112.45 51.51  
# 
loop_
_pdbx_validate_planes.id 
_pdbx_validate_planes.PDB_model_num 
_pdbx_validate_planes.auth_comp_id 
_pdbx_validate_planes.auth_asym_id 
_pdbx_validate_planes.auth_seq_id 
_pdbx_validate_planes.PDB_ins_code 
_pdbx_validate_planes.label_alt_id 
_pdbx_validate_planes.rmsd 
_pdbx_validate_planes.type 
1 1 PHE A 3  ? ? 0.081 'SIDE CHAIN' 
2 1 ARG A 19 ? ? 0.081 'SIDE CHAIN' 
# 
_pdbx_nmr_ensemble.entry_id                                      1HZN 
_pdbx_nmr_ensemble.conformers_calculated_total_number            100 
_pdbx_nmr_ensemble.conformers_submitted_total_number             1 
_pdbx_nmr_ensemble.conformer_selection_criteria                  'structures with the least restraint violations' 
_pdbx_nmr_ensemble.average_constraints_per_residue               ? 
_pdbx_nmr_ensemble.average_constraint_violations_per_residue     ? 
_pdbx_nmr_ensemble.maximum_distance_constraint_violation         ? 
_pdbx_nmr_ensemble.average_distance_constraint_violation         ? 
_pdbx_nmr_ensemble.maximum_upper_distance_constraint_violation   ? 
_pdbx_nmr_ensemble.maximum_lower_distance_constraint_violation   ? 
_pdbx_nmr_ensemble.distance_constraint_violation_method          ? 
_pdbx_nmr_ensemble.maximum_torsion_angle_constraint_violation    ? 
_pdbx_nmr_ensemble.average_torsion_angle_constraint_violation    ? 
_pdbx_nmr_ensemble.torsion_angle_constraint_violation_method     ? 
# 
_pdbx_nmr_sample_details.solution_id      1 
_pdbx_nmr_sample_details.contents         'Peptides, DPC' 
_pdbx_nmr_sample_details.solvent_system   ? 
# 
_pdbx_nmr_exptl_sample_conditions.conditions_id       1 
_pdbx_nmr_exptl_sample_conditions.temperature         303 
_pdbx_nmr_exptl_sample_conditions.pressure            1 
_pdbx_nmr_exptl_sample_conditions.pH                  4.5 
_pdbx_nmr_exptl_sample_conditions.ionic_strength      ? 
_pdbx_nmr_exptl_sample_conditions.pressure_units      atm 
_pdbx_nmr_exptl_sample_conditions.temperature_units   K 
# 
_pdbx_nmr_exptl.experiment_id   1 
_pdbx_nmr_exptl.solution_id     1 
_pdbx_nmr_exptl.conditions_id   1 
_pdbx_nmr_exptl.type            NOESY,ROESY,COSY,TOCSY 
# 
_pdbx_nmr_refine.entry_id           1HZN 
_pdbx_nmr_refine.method             
'Metric matrix DG calculations followed by NOE-restrained MD simulations in a water/decane simulation cell' 
_pdbx_nmr_refine.details            ? 
_pdbx_nmr_refine.software_ordinal   1 
# 
loop_
_pdbx_nmr_software.name 
_pdbx_nmr_software.version 
_pdbx_nmr_software.classification 
_pdbx_nmr_software.authors 
_pdbx_nmr_software.ordinal 
'HOMEWRITTEN METRIC MATRIX DISTANCE GEOMETRY' ? refinement           'MIERKE, D.F.'      1 
'MOLECULAR DYNAMICS with GROMACS'             ? refinement           'BERENDSEN, H.J.C.' 2 
'HOMEWRITTEN DG'                              ? 'structure solution' ?                   3 
GROMACS-MD                                    ? 'structure solution' ?                   4 
# 
loop_
_chem_comp_atom.comp_id 
_chem_comp_atom.atom_id 
_chem_comp_atom.type_symbol 
_chem_comp_atom.pdbx_aromatic_flag 
_chem_comp_atom.pdbx_stereo_config 
_chem_comp_atom.pdbx_ordinal 
ACE C    C N N 1   
ACE O    O N N 2   
ACE CH3  C N N 3   
ACE H    H N N 4   
ACE H1   H N N 5   
ACE H2   H N N 6   
ACE H3   H N N 7   
ALA N    N N N 8   
ALA CA   C N S 9   
ALA C    C N N 10  
ALA O    O N N 11  
ALA CB   C N N 12  
ALA OXT  O N N 13  
ALA H    H N N 14  
ALA H2   H N N 15  
ALA HA   H N N 16  
ALA HB1  H N N 17  
ALA HB2  H N N 18  
ALA HB3  H N N 19  
ALA HXT  H N N 20  
ARG N    N N N 21  
ARG CA   C N S 22  
ARG C    C N N 23  
ARG O    O N N 24  
ARG CB   C N N 25  
ARG CG   C N N 26  
ARG CD   C N N 27  
ARG NE   N N N 28  
ARG CZ   C N N 29  
ARG NH1  N N N 30  
ARG NH2  N N N 31  
ARG OXT  O N N 32  
ARG H    H N N 33  
ARG H2   H N N 34  
ARG HA   H N N 35  
ARG HB2  H N N 36  
ARG HB3  H N N 37  
ARG HG2  H N N 38  
ARG HG3  H N N 39  
ARG HD2  H N N 40  
ARG HD3  H N N 41  
ARG HE   H N N 42  
ARG HH11 H N N 43  
ARG HH12 H N N 44  
ARG HH21 H N N 45  
ARG HH22 H N N 46  
ARG HXT  H N N 47  
ASN N    N N N 48  
ASN CA   C N S 49  
ASN C    C N N 50  
ASN O    O N N 51  
ASN CB   C N N 52  
ASN CG   C N N 53  
ASN OD1  O N N 54  
ASN ND2  N N N 55  
ASN OXT  O N N 56  
ASN H    H N N 57  
ASN H2   H N N 58  
ASN HA   H N N 59  
ASN HB2  H N N 60  
ASN HB3  H N N 61  
ASN HD21 H N N 62  
ASN HD22 H N N 63  
ASN HXT  H N N 64  
ASP N    N N N 65  
ASP CA   C N S 66  
ASP C    C N N 67  
ASP O    O N N 68  
ASP CB   C N N 69  
ASP CG   C N N 70  
ASP OD1  O N N 71  
ASP OD2  O N N 72  
ASP OXT  O N N 73  
ASP H    H N N 74  
ASP H2   H N N 75  
ASP HA   H N N 76  
ASP HB2  H N N 77  
ASP HB3  H N N 78  
ASP HD2  H N N 79  
ASP HXT  H N N 80  
GLU N    N N N 81  
GLU CA   C N S 82  
GLU C    C N N 83  
GLU O    O N N 84  
GLU CB   C N N 85  
GLU CG   C N N 86  
GLU CD   C N N 87  
GLU OE1  O N N 88  
GLU OE2  O N N 89  
GLU OXT  O N N 90  
GLU H    H N N 91  
GLU H2   H N N 92  
GLU HA   H N N 93  
GLU HB2  H N N 94  
GLU HB3  H N N 95  
GLU HG2  H N N 96  
GLU HG3  H N N 97  
GLU HE2  H N N 98  
GLU HXT  H N N 99  
GLY N    N N N 100 
GLY CA   C N N 101 
GLY C    C N N 102 
GLY O    O N N 103 
GLY OXT  O N N 104 
GLY H    H N N 105 
GLY H2   H N N 106 
GLY HA2  H N N 107 
GLY HA3  H N N 108 
GLY HXT  H N N 109 
ILE N    N N N 110 
ILE CA   C N S 111 
ILE C    C N N 112 
ILE O    O N N 113 
ILE CB   C N S 114 
ILE CG1  C N N 115 
ILE CG2  C N N 116 
ILE CD1  C N N 117 
ILE OXT  O N N 118 
ILE H    H N N 119 
ILE H2   H N N 120 
ILE HA   H N N 121 
ILE HB   H N N 122 
ILE HG12 H N N 123 
ILE HG13 H N N 124 
ILE HG21 H N N 125 
ILE HG22 H N N 126 
ILE HG23 H N N 127 
ILE HD11 H N N 128 
ILE HD12 H N N 129 
ILE HD13 H N N 130 
ILE HXT  H N N 131 
LEU N    N N N 132 
LEU CA   C N S 133 
LEU C    C N N 134 
LEU O    O N N 135 
LEU CB   C N N 136 
LEU CG   C N N 137 
LEU CD1  C N N 138 
LEU CD2  C N N 139 
LEU OXT  O N N 140 
LEU H    H N N 141 
LEU H2   H N N 142 
LEU HA   H N N 143 
LEU HB2  H N N 144 
LEU HB3  H N N 145 
LEU HG   H N N 146 
LEU HD11 H N N 147 
LEU HD12 H N N 148 
LEU HD13 H N N 149 
LEU HD21 H N N 150 
LEU HD22 H N N 151 
LEU HD23 H N N 152 
LEU HXT  H N N 153 
NH2 N    N N N 154 
NH2 HN1  H N N 155 
NH2 HN2  H N N 156 
PHE N    N N N 157 
PHE CA   C N S 158 
PHE C    C N N 159 
PHE O    O N N 160 
PHE CB   C N N 161 
PHE CG   C Y N 162 
PHE CD1  C Y N 163 
PHE CD2  C Y N 164 
PHE CE1  C Y N 165 
PHE CE2  C Y N 166 
PHE CZ   C Y N 167 
PHE OXT  O N N 168 
PHE H    H N N 169 
PHE H2   H N N 170 
PHE HA   H N N 171 
PHE HB2  H N N 172 
PHE HB3  H N N 173 
PHE HD1  H N N 174 
PHE HD2  H N N 175 
PHE HE1  H N N 176 
PHE HE2  H N N 177 
PHE HZ   H N N 178 
PHE HXT  H N N 179 
PRO N    N N N 180 
PRO CA   C N S 181 
PRO C    C N N 182 
PRO O    O N N 183 
PRO CB   C N N 184 
PRO CG   C N N 185 
PRO CD   C N N 186 
PRO OXT  O N N 187 
PRO H    H N N 188 
PRO HA   H N N 189 
PRO HB2  H N N 190 
PRO HB3  H N N 191 
PRO HG2  H N N 192 
PRO HG3  H N N 193 
PRO HD2  H N N 194 
PRO HD3  H N N 195 
PRO HXT  H N N 196 
SER N    N N N 197 
SER CA   C N S 198 
SER C    C N N 199 
SER O    O N N 200 
SER CB   C N N 201 
SER OG   O N N 202 
SER OXT  O N N 203 
SER H    H N N 204 
SER H2   H N N 205 
SER HA   H N N 206 
SER HB2  H N N 207 
SER HB3  H N N 208 
SER HG   H N N 209 
SER HXT  H N N 210 
THR N    N N N 211 
THR CA   C N S 212 
THR C    C N N 213 
THR O    O N N 214 
THR CB   C N R 215 
THR OG1  O N N 216 
THR CG2  C N N 217 
THR OXT  O N N 218 
THR H    H N N 219 
THR H2   H N N 220 
THR HA   H N N 221 
THR HB   H N N 222 
THR HG1  H N N 223 
THR HG21 H N N 224 
THR HG22 H N N 225 
THR HG23 H N N 226 
THR HXT  H N N 227 
TRP N    N N N 228 
TRP CA   C N S 229 
TRP C    C N N 230 
TRP O    O N N 231 
TRP CB   C N N 232 
TRP CG   C Y N 233 
TRP CD1  C Y N 234 
TRP CD2  C Y N 235 
TRP NE1  N Y N 236 
TRP CE2  C Y N 237 
TRP CE3  C Y N 238 
TRP CZ2  C Y N 239 
TRP CZ3  C Y N 240 
TRP CH2  C Y N 241 
TRP OXT  O N N 242 
TRP H    H N N 243 
TRP H2   H N N 244 
TRP HA   H N N 245 
TRP HB2  H N N 246 
TRP HB3  H N N 247 
TRP HD1  H N N 248 
TRP HE1  H N N 249 
TRP HE3  H N N 250 
TRP HZ2  H N N 251 
TRP HZ3  H N N 252 
TRP HH2  H N N 253 
TRP HXT  H N N 254 
TYR N    N N N 255 
TYR CA   C N S 256 
TYR C    C N N 257 
TYR O    O N N 258 
TYR CB   C N N 259 
TYR CG   C Y N 260 
TYR CD1  C Y N 261 
TYR CD2  C Y N 262 
TYR CE1  C Y N 263 
TYR CE2  C Y N 264 
TYR CZ   C Y N 265 
TYR OH   O N N 266 
TYR OXT  O N N 267 
TYR H    H N N 268 
TYR H2   H N N 269 
TYR HA   H N N 270 
TYR HB2  H N N 271 
TYR HB3  H N N 272 
TYR HD1  H N N 273 
TYR HD2  H N N 274 
TYR HE1  H N N 275 
TYR HE2  H N N 276 
TYR HH   H N N 277 
TYR HXT  H N N 278 
# 
loop_
_chem_comp_bond.comp_id 
_chem_comp_bond.atom_id_1 
_chem_comp_bond.atom_id_2 
_chem_comp_bond.value_order 
_chem_comp_bond.pdbx_aromatic_flag 
_chem_comp_bond.pdbx_stereo_config 
_chem_comp_bond.pdbx_ordinal 
ACE C   O    doub N N 1   
ACE C   CH3  sing N N 2   
ACE C   H    sing N N 3   
ACE CH3 H1   sing N N 4   
ACE CH3 H2   sing N N 5   
ACE CH3 H3   sing N N 6   
ALA N   CA   sing N N 7   
ALA N   H    sing N N 8   
ALA N   H2   sing N N 9   
ALA CA  C    sing N N 10  
ALA CA  CB   sing N N 11  
ALA CA  HA   sing N N 12  
ALA C   O    doub N N 13  
ALA C   OXT  sing N N 14  
ALA CB  HB1  sing N N 15  
ALA CB  HB2  sing N N 16  
ALA CB  HB3  sing N N 17  
ALA OXT HXT  sing N N 18  
ARG N   CA   sing N N 19  
ARG N   H    sing N N 20  
ARG N   H2   sing N N 21  
ARG CA  C    sing N N 22  
ARG CA  CB   sing N N 23  
ARG CA  HA   sing N N 24  
ARG C   O    doub N N 25  
ARG C   OXT  sing N N 26  
ARG CB  CG   sing N N 27  
ARG CB  HB2  sing N N 28  
ARG CB  HB3  sing N N 29  
ARG CG  CD   sing N N 30  
ARG CG  HG2  sing N N 31  
ARG CG  HG3  sing N N 32  
ARG CD  NE   sing N N 33  
ARG CD  HD2  sing N N 34  
ARG CD  HD3  sing N N 35  
ARG NE  CZ   sing N N 36  
ARG NE  HE   sing N N 37  
ARG CZ  NH1  sing N N 38  
ARG CZ  NH2  doub N N 39  
ARG NH1 HH11 sing N N 40  
ARG NH1 HH12 sing N N 41  
ARG NH2 HH21 sing N N 42  
ARG NH2 HH22 sing N N 43  
ARG OXT HXT  sing N N 44  
ASN N   CA   sing N N 45  
ASN N   H    sing N N 46  
ASN N   H2   sing N N 47  
ASN CA  C    sing N N 48  
ASN CA  CB   sing N N 49  
ASN CA  HA   sing N N 50  
ASN C   O    doub N N 51  
ASN C   OXT  sing N N 52  
ASN CB  CG   sing N N 53  
ASN CB  HB2  sing N N 54  
ASN CB  HB3  sing N N 55  
ASN CG  OD1  doub N N 56  
ASN CG  ND2  sing N N 57  
ASN ND2 HD21 sing N N 58  
ASN ND2 HD22 sing N N 59  
ASN OXT HXT  sing N N 60  
ASP N   CA   sing N N 61  
ASP N   H    sing N N 62  
ASP N   H2   sing N N 63  
ASP CA  C    sing N N 64  
ASP CA  CB   sing N N 65  
ASP CA  HA   sing N N 66  
ASP C   O    doub N N 67  
ASP C   OXT  sing N N 68  
ASP CB  CG   sing N N 69  
ASP CB  HB2  sing N N 70  
ASP CB  HB3  sing N N 71  
ASP CG  OD1  doub N N 72  
ASP CG  OD2  sing N N 73  
ASP OD2 HD2  sing N N 74  
ASP OXT HXT  sing N N 75  
GLU N   CA   sing N N 76  
GLU N   H    sing N N 77  
GLU N   H2   sing N N 78  
GLU CA  C    sing N N 79  
GLU CA  CB   sing N N 80  
GLU CA  HA   sing N N 81  
GLU C   O    doub N N 82  
GLU C   OXT  sing N N 83  
GLU CB  CG   sing N N 84  
GLU CB  HB2  sing N N 85  
GLU CB  HB3  sing N N 86  
GLU CG  CD   sing N N 87  
GLU CG  HG2  sing N N 88  
GLU CG  HG3  sing N N 89  
GLU CD  OE1  doub N N 90  
GLU CD  OE2  sing N N 91  
GLU OE2 HE2  sing N N 92  
GLU OXT HXT  sing N N 93  
GLY N   CA   sing N N 94  
GLY N   H    sing N N 95  
GLY N   H2   sing N N 96  
GLY CA  C    sing N N 97  
GLY CA  HA2  sing N N 98  
GLY CA  HA3  sing N N 99  
GLY C   O    doub N N 100 
GLY C   OXT  sing N N 101 
GLY OXT HXT  sing N N 102 
ILE N   CA   sing N N 103 
ILE N   H    sing N N 104 
ILE N   H2   sing N N 105 
ILE CA  C    sing N N 106 
ILE CA  CB   sing N N 107 
ILE CA  HA   sing N N 108 
ILE C   O    doub N N 109 
ILE C   OXT  sing N N 110 
ILE CB  CG1  sing N N 111 
ILE CB  CG2  sing N N 112 
ILE CB  HB   sing N N 113 
ILE CG1 CD1  sing N N 114 
ILE CG1 HG12 sing N N 115 
ILE CG1 HG13 sing N N 116 
ILE CG2 HG21 sing N N 117 
ILE CG2 HG22 sing N N 118 
ILE CG2 HG23 sing N N 119 
ILE CD1 HD11 sing N N 120 
ILE CD1 HD12 sing N N 121 
ILE CD1 HD13 sing N N 122 
ILE OXT HXT  sing N N 123 
LEU N   CA   sing N N 124 
LEU N   H    sing N N 125 
LEU N   H2   sing N N 126 
LEU CA  C    sing N N 127 
LEU CA  CB   sing N N 128 
LEU CA  HA   sing N N 129 
LEU C   O    doub N N 130 
LEU C   OXT  sing N N 131 
LEU CB  CG   sing N N 132 
LEU CB  HB2  sing N N 133 
LEU CB  HB3  sing N N 134 
LEU CG  CD1  sing N N 135 
LEU CG  CD2  sing N N 136 
LEU CG  HG   sing N N 137 
LEU CD1 HD11 sing N N 138 
LEU CD1 HD12 sing N N 139 
LEU CD1 HD13 sing N N 140 
LEU CD2 HD21 sing N N 141 
LEU CD2 HD22 sing N N 142 
LEU CD2 HD23 sing N N 143 
LEU OXT HXT  sing N N 144 
NH2 N   HN1  sing N N 145 
NH2 N   HN2  sing N N 146 
PHE N   CA   sing N N 147 
PHE N   H    sing N N 148 
PHE N   H2   sing N N 149 
PHE CA  C    sing N N 150 
PHE CA  CB   sing N N 151 
PHE CA  HA   sing N N 152 
PHE C   O    doub N N 153 
PHE C   OXT  sing N N 154 
PHE CB  CG   sing N N 155 
PHE CB  HB2  sing N N 156 
PHE CB  HB3  sing N N 157 
PHE CG  CD1  doub Y N 158 
PHE CG  CD2  sing Y N 159 
PHE CD1 CE1  sing Y N 160 
PHE CD1 HD1  sing N N 161 
PHE CD2 CE2  doub Y N 162 
PHE CD2 HD2  sing N N 163 
PHE CE1 CZ   doub Y N 164 
PHE CE1 HE1  sing N N 165 
PHE CE2 CZ   sing Y N 166 
PHE CE2 HE2  sing N N 167 
PHE CZ  HZ   sing N N 168 
PHE OXT HXT  sing N N 169 
PRO N   CA   sing N N 170 
PRO N   CD   sing N N 171 
PRO N   H    sing N N 172 
PRO CA  C    sing N N 173 
PRO CA  CB   sing N N 174 
PRO CA  HA   sing N N 175 
PRO C   O    doub N N 176 
PRO C   OXT  sing N N 177 
PRO CB  CG   sing N N 178 
PRO CB  HB2  sing N N 179 
PRO CB  HB3  sing N N 180 
PRO CG  CD   sing N N 181 
PRO CG  HG2  sing N N 182 
PRO CG  HG3  sing N N 183 
PRO CD  HD2  sing N N 184 
PRO CD  HD3  sing N N 185 
PRO OXT HXT  sing N N 186 
SER N   CA   sing N N 187 
SER N   H    sing N N 188 
SER N   H2   sing N N 189 
SER CA  C    sing N N 190 
SER CA  CB   sing N N 191 
SER CA  HA   sing N N 192 
SER C   O    doub N N 193 
SER C   OXT  sing N N 194 
SER CB  OG   sing N N 195 
SER CB  HB2  sing N N 196 
SER CB  HB3  sing N N 197 
SER OG  HG   sing N N 198 
SER OXT HXT  sing N N 199 
THR N   CA   sing N N 200 
THR N   H    sing N N 201 
THR N   H2   sing N N 202 
THR CA  C    sing N N 203 
THR CA  CB   sing N N 204 
THR CA  HA   sing N N 205 
THR C   O    doub N N 206 
THR C   OXT  sing N N 207 
THR CB  OG1  sing N N 208 
THR CB  CG2  sing N N 209 
THR CB  HB   sing N N 210 
THR OG1 HG1  sing N N 211 
THR CG2 HG21 sing N N 212 
THR CG2 HG22 sing N N 213 
THR CG2 HG23 sing N N 214 
THR OXT HXT  sing N N 215 
TRP N   CA   sing N N 216 
TRP N   H    sing N N 217 
TRP N   H2   sing N N 218 
TRP CA  C    sing N N 219 
TRP CA  CB   sing N N 220 
TRP CA  HA   sing N N 221 
TRP C   O    doub N N 222 
TRP C   OXT  sing N N 223 
TRP CB  CG   sing N N 224 
TRP CB  HB2  sing N N 225 
TRP CB  HB3  sing N N 226 
TRP CG  CD1  doub Y N 227 
TRP CG  CD2  sing Y N 228 
TRP CD1 NE1  sing Y N 229 
TRP CD1 HD1  sing N N 230 
TRP CD2 CE2  doub Y N 231 
TRP CD2 CE3  sing Y N 232 
TRP NE1 CE2  sing Y N 233 
TRP NE1 HE1  sing N N 234 
TRP CE2 CZ2  sing Y N 235 
TRP CE3 CZ3  doub Y N 236 
TRP CE3 HE3  sing N N 237 
TRP CZ2 CH2  doub Y N 238 
TRP CZ2 HZ2  sing N N 239 
TRP CZ3 CH2  sing Y N 240 
TRP CZ3 HZ3  sing N N 241 
TRP CH2 HH2  sing N N 242 
TRP OXT HXT  sing N N 243 
TYR N   CA   sing N N 244 
TYR N   H    sing N N 245 
TYR N   H2   sing N N 246 
TYR CA  C    sing N N 247 
TYR CA  CB   sing N N 248 
TYR CA  HA   sing N N 249 
TYR C   O    doub N N 250 
TYR C   OXT  sing N N 251 
TYR CB  CG   sing N N 252 
TYR CB  HB2  sing N N 253 
TYR CB  HB3  sing N N 254 
TYR CG  CD1  doub Y N 255 
TYR CG  CD2  sing Y N 256 
TYR CD1 CE1  sing Y N 257 
TYR CD1 HD1  sing N N 258 
TYR CD2 CE2  doub Y N 259 
TYR CD2 HD2  sing N N 260 
TYR CE1 CZ   doub Y N 261 
TYR CE1 HE1  sing N N 262 
TYR CE2 CZ   sing Y N 263 
TYR CE2 HE2  sing N N 264 
TYR CZ  OH   sing N N 265 
TYR OH  HH   sing N N 266 
TYR OXT HXT  sing N N 267 
# 
loop_
_pdbx_nmr_spectrometer.spectrometer_id 
_pdbx_nmr_spectrometer.type 
_pdbx_nmr_spectrometer.manufacturer 
_pdbx_nmr_spectrometer.model 
_pdbx_nmr_spectrometer.field_strength 
1 ? Bruker AVANCE 400 
2 ? Bruker AVANCE 600 
# 
_atom_sites.entry_id                    1HZN 
_atom_sites.fract_transf_matrix[1][1]   1.000000 
_atom_sites.fract_transf_matrix[1][2]   0.000000 
_atom_sites.fract_transf_matrix[1][3]   0.000000 
_atom_sites.fract_transf_matrix[2][1]   0.000000 
_atom_sites.fract_transf_matrix[2][2]   1.000000 
_atom_sites.fract_transf_matrix[2][3]   0.000000 
_atom_sites.fract_transf_matrix[3][1]   0.000000 
_atom_sites.fract_transf_matrix[3][2]   0.000000 
_atom_sites.fract_transf_matrix[3][3]   1.000000 
_atom_sites.fract_transf_vector[1]      0.00000 
_atom_sites.fract_transf_vector[2]      0.00000 
_atom_sites.fract_transf_vector[3]      0.00000 
# 
loop_
_atom_type.symbol 
C 
H 
N 
O 
# 
loop_
_atom_site.group_PDB 
_atom_site.id 
_atom_site.type_symbol 
_atom_site.label_atom_id 
_atom_site.label_alt_id 
_atom_site.label_comp_id 
_atom_site.label_asym_id 
_atom_site.label_entity_id 
_atom_site.label_seq_id 
_atom_site.pdbx_PDB_ins_code 
_atom_site.Cartn_x 
_atom_site.Cartn_y 
_atom_site.Cartn_z 
_atom_site.occupancy 
_atom_site.B_iso_or_equiv 
_atom_site.pdbx_formal_charge 
_atom_site.auth_seq_id 
_atom_site.auth_comp_id 
_atom_site.auth_asym_id 
_atom_site.auth_atom_id 
_atom_site.pdbx_PDB_model_num 
HETATM 1   C C    . ACE A 1 1  ? -10.988 -6.555  -0.823  1.00 0.00 ? 1  ACE A C    1 
HETATM 2   O O    . ACE A 1 1  ? -10.526 -5.420  -0.847  1.00 0.00 ? 1  ACE A O    1 
HETATM 3   C CH3  . ACE A 1 1  ? -12.440 -6.745  -0.388  1.00 0.00 ? 1  ACE A CH3  1 
HETATM 4   H H1   . ACE A 1 1  ? -12.794 -5.871  0.192   1.00 0.00 ? 1  ACE A H1   1 
HETATM 5   H H2   . ACE A 1 1  ? -13.106 -6.830  -1.265  1.00 0.00 ? 1  ACE A H2   1 
HETATM 6   H H3   . ACE A 1 1  ? -12.584 -7.640  0.244   1.00 0.00 ? 1  ACE A H3   1 
ATOM   7   N N    . ILE A 1 2  ? -10.292 -7.645  -1.191  1.00 0.00 ? 2  ILE A N    1 
ATOM   8   C CA   . ILE A 1 2  ? -8.879  -7.602  -1.710  1.00 0.00 ? 2  ILE A CA   1 
ATOM   9   C C    . ILE A 1 2  ? -8.786  -6.808  -3.061  1.00 0.00 ? 2  ILE A C    1 
ATOM   10  O O    . ILE A 1 2  ? -8.119  -5.777  -3.129  1.00 0.00 ? 2  ILE A O    1 
ATOM   11  C CB   . ILE A 1 2  ? -8.236  -9.043  -1.793  1.00 0.00 ? 2  ILE A CB   1 
ATOM   12  C CG1  . ILE A 1 2  ? -8.149  -9.818  -0.439  1.00 0.00 ? 2  ILE A CG1  1 
ATOM   13  C CG2  . ILE A 1 2  ? -6.818  -9.021  -2.431  1.00 0.00 ? 2  ILE A CG2  1 
ATOM   14  C CD1  . ILE A 1 2  ? -9.415  -10.593 -0.038  1.00 0.00 ? 2  ILE A CD1  1 
ATOM   15  H H    . ILE A 1 2  ? -10.761 -8.534  -0.983  1.00 0.00 ? 2  ILE A H    1 
ATOM   16  H HA   . ILE A 1 2  ? -8.281  -7.034  -0.969  1.00 0.00 ? 2  ILE A HA   1 
ATOM   17  H HB   . ILE A 1 2  ? -8.855  -9.649  -2.483  1.00 0.00 ? 2  ILE A HB   1 
ATOM   18  H HG12 . ILE A 1 2  ? -7.343  -10.574 -0.478  1.00 0.00 ? 2  ILE A HG12 1 
ATOM   19  H HG13 . ILE A 1 2  ? -7.851  -9.134  0.377   1.00 0.00 ? 2  ILE A HG13 1 
ATOM   20  H HG21 . ILE A 1 2  ? -6.330  -10.013 -2.424  1.00 0.00 ? 2  ILE A HG21 1 
ATOM   21  H HG22 . ILE A 1 2  ? -6.859  -8.719  -3.495  1.00 0.00 ? 2  ILE A HG22 1 
ATOM   22  H HG23 . ILE A 1 2  ? -6.142  -8.310  -1.921  1.00 0.00 ? 2  ILE A HG23 1 
ATOM   23  H HD11 . ILE A 1 2  ? -9.738  -11.286 -0.837  1.00 0.00 ? 2  ILE A HD11 1 
ATOM   24  H HD12 . ILE A 1 2  ? -9.233  -11.204 0.865   1.00 0.00 ? 2  ILE A HD12 1 
ATOM   25  H HD13 . ILE A 1 2  ? -10.267 -9.930  0.193   1.00 0.00 ? 2  ILE A HD13 1 
ATOM   26  N N    . PHE A 1 3  ? -9.465  -7.308  -4.102  1.00 0.00 ? 3  PHE A N    1 
ATOM   27  C CA   . PHE A 1 3  ? -9.853  -6.571  -5.346  1.00 0.00 ? 3  PHE A CA   1 
ATOM   28  C C    . PHE A 1 3  ? -10.183 -5.049  -5.218  1.00 0.00 ? 3  PHE A C    1 
ATOM   29  O O    . PHE A 1 3  ? -9.582  -4.247  -5.938  1.00 0.00 ? 3  PHE A O    1 
ATOM   30  C CB   . PHE A 1 3  ? -10.984 -7.370  -6.093  1.00 0.00 ? 3  PHE A CB   1 
ATOM   31  C CG   . PHE A 1 3  ? -12.123 -7.979  -5.227  1.00 0.00 ? 3  PHE A CG   1 
ATOM   32  C CD1  . PHE A 1 3  ? -13.245 -7.224  -4.874  1.00 0.00 ? 3  PHE A CD1  1 
ATOM   33  C CD2  . PHE A 1 3  ? -11.910 -9.219  -4.607  1.00 0.00 ? 3  PHE A CD2  1 
ATOM   34  C CE1  . PHE A 1 3  ? -14.106 -7.673  -3.874  1.00 0.00 ? 3  PHE A CE1  1 
ATOM   35  C CE2  . PHE A 1 3  ? -12.757 -9.654  -3.595  1.00 0.00 ? 3  PHE A CE2  1 
ATOM   36  C CZ   . PHE A 1 3  ? -13.852 -8.880  -3.226  1.00 0.00 ? 3  PHE A CZ   1 
ATOM   37  H H    . PHE A 1 3  ? -9.955  -8.177  -3.865  1.00 0.00 ? 3  PHE A H    1 
ATOM   38  H HA   . PHE A 1 3  ? -8.965  -6.624  -6.005  1.00 0.00 ? 3  PHE A HA   1 
ATOM   39  H HB2  . PHE A 1 3  ? -11.420 -6.742  -6.895  1.00 0.00 ? 3  PHE A HB2  1 
ATOM   40  H HB3  . PHE A 1 3  ? -10.501 -8.189  -6.660  1.00 0.00 ? 3  PHE A HB3  1 
ATOM   41  H HD1  . PHE A 1 3  ? -13.417 -6.255  -5.322  1.00 0.00 ? 3  PHE A HD1  1 
ATOM   42  H HD2  . PHE A 1 3  ? -11.026 -9.800  -4.834  1.00 0.00 ? 3  PHE A HD2  1 
ATOM   43  H HE1  . PHE A 1 3  ? -14.943 -7.065  -3.569  1.00 0.00 ? 3  PHE A HE1  1 
ATOM   44  H HE2  . PHE A 1 3  ? -12.534 -10.570 -3.065  1.00 0.00 ? 3  PHE A HE2  1 
ATOM   45  H HZ   . PHE A 1 3  ? -14.484 -9.201  -2.411  1.00 0.00 ? 3  PHE A HZ   1 
ATOM   46  N N    . SER A 1 4  ? -11.078 -4.658  -4.289  1.00 0.00 ? 4  SER A N    1 
ATOM   47  C CA   . SER A 1 4  ? -11.350 -3.228  -3.971  1.00 0.00 ? 4  SER A CA   1 
ATOM   48  C C    . SER A 1 4  ? -10.205 -2.483  -3.221  1.00 0.00 ? 4  SER A C    1 
ATOM   49  O O    . SER A 1 4  ? -9.930  -1.328  -3.550  1.00 0.00 ? 4  SER A O    1 
ATOM   50  C CB   . SER A 1 4  ? -12.661 -3.079  -3.165  1.00 0.00 ? 4  SER A CB   1 
ATOM   51  O OG   . SER A 1 4  ? -13.759 -3.718  -3.804  1.00 0.00 ? 4  SER A OG   1 
ATOM   52  H H    . SER A 1 4  ? -11.530 -5.422  -3.776  1.00 0.00 ? 4  SER A H    1 
ATOM   53  H HA   . SER A 1 4  ? -11.513 -2.711  -4.932  1.00 0.00 ? 4  SER A HA   1 
ATOM   54  H HB2  . SER A 1 4  ? -12.545 -3.491  -2.145  1.00 0.00 ? 4  SER A HB2  1 
ATOM   55  H HB3  . SER A 1 4  ? -12.904 -2.007  -3.034  1.00 0.00 ? 4  SER A HB3  1 
ATOM   56  H HG   . SER A 1 4  ? -14.192 -4.230  -3.118  1.00 0.00 ? 4  SER A HG   1 
ATOM   57  N N    . ALA A 1 5  ? -9.560  -3.120  -2.220  1.00 0.00 ? 5  ALA A N    1 
ATOM   58  C CA   . ALA A 1 5  ? -8.462  -2.519  -1.425  1.00 0.00 ? 5  ALA A CA   1 
ATOM   59  C C    . ALA A 1 5  ? -7.176  -2.286  -2.257  1.00 0.00 ? 5  ALA A C    1 
ATOM   60  O O    . ALA A 1 5  ? -6.818  -1.133  -2.485  1.00 0.00 ? 5  ALA A O    1 
ATOM   61  C CB   . ALA A 1 5  ? -8.188  -3.327  -0.138  1.00 0.00 ? 5  ALA A CB   1 
ATOM   62  H H    . ALA A 1 5  ? -9.924  -4.055  -2.010  1.00 0.00 ? 5  ALA A H    1 
ATOM   63  H HA   . ALA A 1 5  ? -8.844  -1.543  -1.086  1.00 0.00 ? 5  ALA A HA   1 
ATOM   64  H HB1  . ALA A 1 5  ? -9.116  -3.653  0.365   1.00 0.00 ? 5  ALA A HB1  1 
ATOM   65  H HB2  . ALA A 1 5  ? -7.588  -4.237  -0.330  1.00 0.00 ? 5  ALA A HB2  1 
ATOM   66  H HB3  . ALA A 1 5  ? -7.630  -2.720  0.598   1.00 0.00 ? 5  ALA A HB3  1 
ATOM   67  N N    . ASN A 1 6  ? -6.546  -3.349  -2.789  1.00 0.00 ? 6  ASN A N    1 
ATOM   68  C CA   . ASN A 1 6  ? -5.418  -3.247  -3.765  1.00 0.00 ? 6  ASN A CA   1 
ATOM   69  C C    . ASN A 1 6  ? -5.774  -2.751  -5.217  1.00 0.00 ? 6  ASN A C    1 
ATOM   70  O O    . ASN A 1 6  ? -4.948  -2.872  -6.127  1.00 0.00 ? 6  ASN A O    1 
ATOM   71  C CB   . ASN A 1 6  ? -4.661  -4.611  -3.763  1.00 0.00 ? 6  ASN A CB   1 
ATOM   72  C CG   . ASN A 1 6  ? -4.002  -4.996  -2.415  1.00 0.00 ? 6  ASN A CG   1 
ATOM   73  O OD1  . ASN A 1 6  ? -4.597  -5.691  -1.592  1.00 0.00 ? 6  ASN A OD1  1 
ATOM   74  N ND2  . ASN A 1 6  ? -2.793  -4.522  -2.152  1.00 0.00 ? 6  ASN A ND2  1 
ATOM   75  H H    . ASN A 1 6  ? -6.945  -4.256  -2.523  1.00 0.00 ? 6  ASN A H    1 
ATOM   76  H HA   . ASN A 1 6  ? -4.703  -2.497  -3.379  1.00 0.00 ? 6  ASN A HA   1 
ATOM   77  H HB2  . ASN A 1 6  ? -5.351  -5.423  -4.066  1.00 0.00 ? 6  ASN A HB2  1 
ATOM   78  H HB3  . ASN A 1 6  ? -3.880  -4.614  -4.547  1.00 0.00 ? 6  ASN A HB3  1 
ATOM   79  H HD21 . ASN A 1 6  ? -2.362  -3.941  -2.880  1.00 0.00 ? 6  ASN A HD21 1 
ATOM   80  H HD22 . ASN A 1 6  ? -2.424  -4.706  -1.213  1.00 0.00 ? 6  ASN A HD22 1 
ATOM   81  N N    . ALA A 1 7  ? -6.944  -2.107  -5.411  1.00 0.00 ? 7  ALA A N    1 
ATOM   82  C CA   . ALA A 1 7  ? -7.194  -1.148  -6.509  1.00 0.00 ? 7  ALA A CA   1 
ATOM   83  C C    . ALA A 1 7  ? -7.460  0.243   -5.860  1.00 0.00 ? 7  ALA A C    1 
ATOM   84  O O    . ALA A 1 7  ? -6.515  1.022   -5.718  1.00 0.00 ? 7  ALA A O    1 
ATOM   85  C CB   . ALA A 1 7  ? -8.311  -1.691  -7.423  1.00 0.00 ? 7  ALA A CB   1 
ATOM   86  H H    . ALA A 1 7  ? -7.538  -2.092  -4.574  1.00 0.00 ? 7  ALA A H    1 
ATOM   87  H HA   . ALA A 1 7  ? -6.295  -1.038  -7.146  1.00 0.00 ? 7  ALA A HA   1 
ATOM   88  H HB1  . ALA A 1 7  ? -8.547  -0.986  -8.242  1.00 0.00 ? 7  ALA A HB1  1 
ATOM   89  H HB2  . ALA A 1 7  ? -8.039  -2.657  -7.888  1.00 0.00 ? 7  ALA A HB2  1 
ATOM   90  H HB3  . ALA A 1 7  ? -9.248  -1.856  -6.862  1.00 0.00 ? 7  ALA A HB3  1 
ATOM   91  N N    . TRP A 1 8  ? -8.709  0.550   -5.449  1.00 0.00 ? 8  TRP A N    1 
ATOM   92  C CA   . TRP A 1 8  ? -9.150  1.924   -5.068  1.00 0.00 ? 8  TRP A CA   1 
ATOM   93  C C    . TRP A 1 8  ? -8.604  2.481   -3.727  1.00 0.00 ? 8  TRP A C    1 
ATOM   94  O O    . TRP A 1 8  ? -8.146  3.629   -3.706  1.00 0.00 ? 8  TRP A O    1 
ATOM   95  C CB   . TRP A 1 8  ? -10.695 2.080   -5.176  1.00 0.00 ? 8  TRP A CB   1 
ATOM   96  C CG   . TRP A 1 8  ? -11.219 1.982   -6.620  1.00 0.00 ? 8  TRP A CG   1 
ATOM   97  C CD1  . TRP A 1 8  ? -11.135 3.000   -7.593  1.00 0.00 ? 8  TRP A CD1  1 
ATOM   98  C CD2  . TRP A 1 8  ? -11.595 0.841   -7.307  1.00 0.00 ? 8  TRP A CD2  1 
ATOM   99  N NE1  . TRP A 1 8  ? -11.433 2.516   -8.880  1.00 0.00 ? 8  TRP A NE1  1 
ATOM   100 C CE2  . TRP A 1 8  ? -11.691 1.168   -8.682  1.00 0.00 ? 8  TRP A CE2  1 
ATOM   101 C CE3  . TRP A 1 8  ? -11.734 -0.500  -6.876  1.00 0.00 ? 8  TRP A CE3  1 
ATOM   102 C CZ2  . TRP A 1 8  ? -11.889 0.143   -9.641  1.00 0.00 ? 8  TRP A CZ2  1 
ATOM   103 C CZ3  . TRP A 1 8  ? -11.945 -1.492  -7.834  1.00 0.00 ? 8  TRP A CZ3  1 
ATOM   104 C CH2  . TRP A 1 8  ? -12.013 -1.176  -9.197  1.00 0.00 ? 8  TRP A CH2  1 
ATOM   105 H H    . TRP A 1 8  ? -9.394  -0.199  -5.602  1.00 0.00 ? 8  TRP A H    1 
ATOM   106 H HA   . TRP A 1 8  ? -8.737  2.590   -5.837  1.00 0.00 ? 8  TRP A HA   1 
ATOM   107 H HB2  . TRP A 1 8  ? -11.204 1.339   -4.528  1.00 0.00 ? 8  TRP A HB2  1 
ATOM   108 H HB3  . TRP A 1 8  ? -11.005 3.063   -4.770  1.00 0.00 ? 8  TRP A HB3  1 
ATOM   109 H HD1  . TRP A 1 8  ? -10.775 4.000   -7.396  1.00 0.00 ? 8  TRP A HD1  1 
ATOM   110 H HE1  . TRP A 1 8  ? -11.345 3.014   -9.773  1.00 0.00 ? 8  TRP A HE1  1 
ATOM   111 H HE3  . TRP A 1 8  ? -11.633 -0.747  -5.833  1.00 0.00 ? 8  TRP A HE3  1 
ATOM   112 H HZ2  . TRP A 1 8  ? -11.911 0.368   -10.697 1.00 0.00 ? 8  TRP A HZ2  1 
ATOM   113 H HZ3  . TRP A 1 8  ? -12.018 -2.523  -7.521  1.00 0.00 ? 8  TRP A HZ3  1 
ATOM   114 H HH2  . TRP A 1 8  ? -12.139 -1.970  -9.919  1.00 0.00 ? 8  TRP A HH2  1 
ATOM   115 N N    . ARG A 1 9  ? -8.632  1.696   -2.633  1.00 0.00 ? 9  ARG A N    1 
ATOM   116 C CA   . ARG A 1 9  ? -8.032  2.107   -1.334  1.00 0.00 ? 9  ARG A CA   1 
ATOM   117 C C    . ARG A 1 9  ? -6.483  2.325   -1.365  1.00 0.00 ? 9  ARG A C    1 
ATOM   118 O O    . ARG A 1 9  ? -6.025  3.337   -0.839  1.00 0.00 ? 9  ARG A O    1 
ATOM   119 C CB   . ARG A 1 9  ? -8.479  1.110   -0.230  1.00 0.00 ? 9  ARG A CB   1 
ATOM   120 C CG   . ARG A 1 9  ? -8.289  1.629   1.207   1.00 0.00 ? 9  ARG A CG   1 
ATOM   121 C CD   . ARG A 1 9  ? -9.214  0.995   2.260   1.00 0.00 ? 9  ARG A CD   1 
ATOM   122 N NE   . ARG A 1 9  ? -9.119  1.759   3.532   1.00 0.00 ? 9  ARG A NE   1 
ATOM   123 C CZ   . ARG A 1 9  ? -10.090 2.550   4.035   1.00 0.00 ? 9  ARG A CZ   1 
ATOM   124 N NH1  . ARG A 1 9  ? -11.316 2.647   3.523   1.00 0.00 ? 9  ARG A NH1  1 
ATOM   125 N NH2  . ARG A 1 9  ? -9.810  3.275   5.102   1.00 0.00 ? 9  ARG A NH2  1 
ATOM   126 H H    . ARG A 1 9  ? -9.049  0.769   -2.771  1.00 0.00 ? 9  ARG A H    1 
ATOM   127 H HA   . ARG A 1 9  ? -8.493  3.083   -1.078  1.00 0.00 ? 9  ARG A HA   1 
ATOM   128 H HB2  . ARG A 1 9  ? -9.544  0.842   -0.376  1.00 0.00 ? 9  ARG A HB2  1 
ATOM   129 H HB3  . ARG A 1 9  ? -7.914  0.167   -0.329  1.00 0.00 ? 9  ARG A HB3  1 
ATOM   130 H HG2  . ARG A 1 9  ? -7.240  1.468   1.496   1.00 0.00 ? 9  ARG A HG2  1 
ATOM   131 H HG3  . ARG A 1 9  ? -8.432  2.724   1.211   1.00 0.00 ? 9  ARG A HG3  1 
ATOM   132 H HD2  . ARG A 1 9  ? -10.251 0.949   1.876   1.00 0.00 ? 9  ARG A HD2  1 
ATOM   133 H HD3  . ARG A 1 9  ? -8.922  -0.056  2.443   1.00 0.00 ? 9  ARG A HD3  1 
ATOM   134 H HE   . ARG A 1 9  ? -8.229  1.824   4.039   1.00 0.00 ? 9  ARG A HE   1 
ATOM   135 H HH11 . ARG A 1 9  ? -11.512 2.074   2.694   1.00 0.00 ? 9  ARG A HH11 1 
ATOM   136 H HH12 . ARG A 1 9  ? -11.968 3.277   4.002   1.00 0.00 ? 9  ARG A HH12 1 
ATOM   137 H HH21 . ARG A 1 9  ? -8.855  3.199   5.471   1.00 0.00 ? 9  ARG A HH21 1 
ATOM   138 H HH22 . ARG A 1 9  ? -10.565 3.869   5.462   1.00 0.00 ? 9  ARG A HH22 1 
ATOM   139 N N    . ALA A 1 10 ? -5.710  1.408   -1.982  1.00 0.00 ? 10 ALA A N    1 
ATOM   140 C CA   . ALA A 1 10 ? -4.225  1.434   -2.050  1.00 0.00 ? 10 ALA A CA   1 
ATOM   141 C C    . ALA A 1 10 ? -3.588  2.760   -2.538  1.00 0.00 ? 10 ALA A C    1 
ATOM   142 O O    . ALA A 1 10 ? -2.944  3.424   -1.725  1.00 0.00 ? 10 ALA A O    1 
ATOM   143 C CB   . ALA A 1 10 ? -3.750  0.192   -2.832  1.00 0.00 ? 10 ALA A CB   1 
ATOM   144 H H    . ALA A 1 10 ? -6.238  0.614   -2.361  1.00 0.00 ? 10 ALA A H    1 
ATOM   145 H HA   . ALA A 1 10 ? -3.852  1.281   -1.021  1.00 0.00 ? 10 ALA A HA   1 
ATOM   146 H HB1  . ALA A 1 10 ? -4.390  -0.041  -3.706  1.00 0.00 ? 10 ALA A HB1  1 
ATOM   147 H HB2  . ALA A 1 10 ? -2.718  0.301   -3.214  1.00 0.00 ? 10 ALA A HB2  1 
ATOM   148 H HB3  . ALA A 1 10 ? -3.749  -0.706  -2.184  1.00 0.00 ? 10 ALA A HB3  1 
ATOM   149 N N    . TYR A 1 11 ? -3.791  3.204   -3.794  1.00 0.00 ? 11 TYR A N    1 
ATOM   150 C CA   . TYR A 1 11 ? -3.276  4.534   -4.256  1.00 0.00 ? 11 TYR A CA   1 
ATOM   151 C C    . TYR A 1 11 ? -3.717  5.779   -3.404  1.00 0.00 ? 11 TYR A C    1 
ATOM   152 O O    . TYR A 1 11 ? -2.903  6.668   -3.141  1.00 0.00 ? 11 TYR A O    1 
ATOM   153 C CB   . TYR A 1 11 ? -3.500  4.726   -5.787  1.00 0.00 ? 11 TYR A CB   1 
ATOM   154 C CG   . TYR A 1 11 ? -4.893  5.208   -6.255  1.00 0.00 ? 11 TYR A CG   1 
ATOM   155 C CD1  . TYR A 1 11 ? -5.925  4.300   -6.479  1.00 0.00 ? 11 TYR A CD1  1 
ATOM   156 C CD2  . TYR A 1 11 ? -5.145  6.582   -6.390  1.00 0.00 ? 11 TYR A CD2  1 
ATOM   157 C CE1  . TYR A 1 11 ? -7.197  4.749   -6.830  1.00 0.00 ? 11 TYR A CE1  1 
ATOM   158 C CE2  . TYR A 1 11 ? -6.428  7.030   -6.705  1.00 0.00 ? 11 TYR A CE2  1 
ATOM   159 C CZ   . TYR A 1 11 ? -7.451  6.116   -6.916  1.00 0.00 ? 11 TYR A CZ   1 
ATOM   160 O OH   . TYR A 1 11 ? -8.721  6.548   -7.205  1.00 0.00 ? 11 TYR A OH   1 
ATOM   161 H H    . TYR A 1 11 ? -4.357  2.590   -4.391  1.00 0.00 ? 11 TYR A H    1 
ATOM   162 H HA   . TYR A 1 11 ? -2.177  4.470   -4.138  1.00 0.00 ? 11 TYR A HA   1 
ATOM   163 H HB2  . TYR A 1 11 ? -2.738  5.445   -6.146  1.00 0.00 ? 11 TYR A HB2  1 
ATOM   164 H HB3  . TYR A 1 11 ? -3.231  3.794   -6.322  1.00 0.00 ? 11 TYR A HB3  1 
ATOM   165 H HD1  . TYR A 1 11 ? -5.747  3.241   -6.371  1.00 0.00 ? 11 TYR A HD1  1 
ATOM   166 H HD2  . TYR A 1 11 ? -4.363  7.302   -6.214  1.00 0.00 ? 11 TYR A HD2  1 
ATOM   167 H HE1  . TYR A 1 11 ? -7.983  4.053   -7.050  1.00 0.00 ? 11 TYR A HE1  1 
ATOM   168 H HE2  . TYR A 1 11 ? -6.620  8.091   -6.780  1.00 0.00 ? 11 TYR A HE2  1 
ATOM   169 H HH   . TYR A 1 11 ? -8.740  7.507   -7.164  1.00 0.00 ? 11 TYR A HH   1 
ATOM   170 N N    . ASP A 1 12 ? -5.001  5.813   -2.997  1.00 0.00 ? 12 ASP A N    1 
ATOM   171 C CA   . ASP A 1 12 ? -5.629  6.956   -2.292  1.00 0.00 ? 12 ASP A CA   1 
ATOM   172 C C    . ASP A 1 12 ? -5.143  7.121   -0.816  1.00 0.00 ? 12 ASP A C    1 
ATOM   173 O O    . ASP A 1 12 ? -4.591  8.173   -0.481  1.00 0.00 ? 12 ASP A O    1 
ATOM   174 C CB   . ASP A 1 12 ? -7.166  6.766   -2.467  1.00 0.00 ? 12 ASP A CB   1 
ATOM   175 C CG   . ASP A 1 12 ? -8.067  7.932   -2.040  1.00 0.00 ? 12 ASP A CG   1 
ATOM   176 O OD1  . ASP A 1 12 ? -7.694  9.110   -2.245  1.00 0.00 ? 12 ASP A OD1  1 
ATOM   177 O OD2  . ASP A 1 12 ? -9.171  7.670   -1.516  1.00 0.00 ? 12 ASP A OD2  1 
ATOM   178 H H    . ASP A 1 12 ? -5.557  5.003   -3.291  1.00 0.00 ? 12 ASP A H    1 
ATOM   179 H HA   . ASP A 1 12 ? -5.354  7.877   -2.845  1.00 0.00 ? 12 ASP A HA   1 
ATOM   180 H HB2  . ASP A 1 12 ? -7.407  6.564   -3.529  1.00 0.00 ? 12 ASP A HB2  1 
ATOM   181 H HB3  . ASP A 1 12 ? -7.492  5.852   -1.930  1.00 0.00 ? 12 ASP A HB3  1 
ATOM   182 N N    . THR A 1 13 ? -5.346  6.097   0.036   1.00 0.00 ? 13 THR A N    1 
ATOM   183 C CA   . THR A 1 13 ? -5.005  6.124   1.490   1.00 0.00 ? 13 THR A CA   1 
ATOM   184 C C    . THR A 1 13 ? -4.046  4.972   1.954   1.00 0.00 ? 13 THR A C    1 
ATOM   185 O O    . THR A 1 13 ? -3.184  5.236   2.797   1.00 0.00 ? 13 THR A O    1 
ATOM   186 C CB   . THR A 1 13 ? -6.313  6.253   2.334   1.00 0.00 ? 13 THR A CB   1 
ATOM   187 O OG1  . THR A 1 13 ? -5.988  6.485   3.701   1.00 0.00 ? 13 THR A OG1  1 
ATOM   188 C CG2  . THR A 1 13 ? -7.303  5.073   2.273   1.00 0.00 ? 13 THR A CG2  1 
ATOM   189 H H    . THR A 1 13 ? -5.853  5.304   -0.375  1.00 0.00 ? 13 THR A H    1 
ATOM   190 H HA   . THR A 1 13 ? -4.442  7.056   1.696   1.00 0.00 ? 13 THR A HA   1 
ATOM   191 H HB   . THR A 1 13 ? -6.861  7.148   1.982   1.00 0.00 ? 13 THR A HB   1 
ATOM   192 H HG1  . THR A 1 13 ? -6.822  6.647   4.147   1.00 0.00 ? 13 THR A HG1  1 
ATOM   193 H HG21 . THR A 1 13 ? -7.578  4.833   1.230   1.00 0.00 ? 13 THR A HG21 1 
ATOM   194 H HG22 . THR A 1 13 ? -6.882  4.155   2.725   1.00 0.00 ? 13 THR A HG22 1 
ATOM   195 H HG23 . THR A 1 13 ? -8.242  5.302   2.808   1.00 0.00 ? 13 THR A HG23 1 
ATOM   196 N N    . ALA A 1 14 ? -4.201  3.716   1.474   1.00 0.00 ? 14 ALA A N    1 
ATOM   197 C CA   . ALA A 1 14 ? -3.535  2.518   2.069   1.00 0.00 ? 14 ALA A CA   1 
ATOM   198 C C    . ALA A 1 14 ? -2.090  2.121   1.635   1.00 0.00 ? 14 ALA A C    1 
ATOM   199 O O    . ALA A 1 14 ? -1.498  1.249   2.277   1.00 0.00 ? 14 ALA A O    1 
ATOM   200 C CB   . ALA A 1 14 ? -4.496  1.323   1.956   1.00 0.00 ? 14 ALA A CB   1 
ATOM   201 H H    . ALA A 1 14 ? -4.926  3.624   0.753   1.00 0.00 ? 14 ALA A H    1 
ATOM   202 H HA   . ALA A 1 14 ? -3.453  2.702   3.150   1.00 0.00 ? 14 ALA A HA   1 
ATOM   203 H HB1  . ALA A 1 14 ? -4.049  0.387   2.340   1.00 0.00 ? 14 ALA A HB1  1 
ATOM   204 H HB2  . ALA A 1 14 ? -5.398  1.497   2.568   1.00 0.00 ? 14 ALA A HB2  1 
ATOM   205 H HB3  . ALA A 1 14 ? -4.827  1.122   0.923   1.00 0.00 ? 14 ALA A HB3  1 
ATOM   206 N N    . SER A 1 15 ? -1.493  2.762   0.620   1.00 0.00 ? 15 SER A N    1 
ATOM   207 C CA   . SER A 1 15 ? -0.018  2.736   0.389   1.00 0.00 ? 15 SER A CA   1 
ATOM   208 C C    . SER A 1 15 ? 0.752   3.787   1.257   1.00 0.00 ? 15 SER A C    1 
ATOM   209 O O    . SER A 1 15 ? 1.859   3.488   1.713   1.00 0.00 ? 15 SER A O    1 
ATOM   210 C CB   . SER A 1 15 ? 0.280   2.864   -1.121  1.00 0.00 ? 15 SER A CB   1 
ATOM   211 O OG   . SER A 1 15 ? -0.308  1.788   -1.849  1.00 0.00 ? 15 SER A OG   1 
ATOM   212 H H    . SER A 1 15 ? -2.087  3.454   0.152   1.00 0.00 ? 15 SER A H    1 
ATOM   213 H HA   . SER A 1 15 ? 0.368   1.741   0.681   1.00 0.00 ? 15 SER A HA   1 
ATOM   214 H HB2  . SER A 1 15 ? -0.090  3.826   -1.524  1.00 0.00 ? 15 SER A HB2  1 
ATOM   215 H HB3  . SER A 1 15 ? 1.371   2.853   -1.303  1.00 0.00 ? 15 SER A HB3  1 
ATOM   216 H HG   . SER A 1 15 ? -0.307  2.054   -2.772  1.00 0.00 ? 15 SER A HG   1 
ATOM   217 N N    . ALA A 1 16 ? 0.154   4.967   1.555   1.00 0.00 ? 16 ALA A N    1 
ATOM   218 C CA   . ALA A 1 16 ? 0.550   5.810   2.716   1.00 0.00 ? 16 ALA A CA   1 
ATOM   219 C C    . ALA A 1 16 ? 0.257   5.259   4.155   1.00 0.00 ? 16 ALA A C    1 
ATOM   220 O O    . ALA A 1 16 ? 0.793   5.839   5.103   1.00 0.00 ? 16 ALA A O    1 
ATOM   221 C CB   . ALA A 1 16 ? -0.092  7.199   2.548   1.00 0.00 ? 16 ALA A CB   1 
ATOM   222 H H    . ALA A 1 16 ? -0.741  5.115   1.077   1.00 0.00 ? 16 ALA A H    1 
ATOM   223 H HA   . ALA A 1 16 ? 1.647   5.966   2.654   1.00 0.00 ? 16 ALA A HA   1 
ATOM   224 H HB1  . ALA A 1 16 ? 0.242   7.896   3.340   1.00 0.00 ? 16 ALA A HB1  1 
ATOM   225 H HB2  . ALA A 1 16 ? 0.183   7.669   1.585   1.00 0.00 ? 16 ALA A HB2  1 
ATOM   226 H HB3  . ALA A 1 16 ? -1.196  7.158   2.595   1.00 0.00 ? 16 ALA A HB3  1 
ATOM   227 N N    . GLU A 1 17 ? -0.478  4.132   4.360   1.00 0.00 ? 17 GLU A N    1 
ATOM   228 C CA   . GLU A 1 17 ? -0.354  3.312   5.614   1.00 0.00 ? 17 GLU A CA   1 
ATOM   229 C C    . GLU A 1 17 ? 1.105   2.869   5.937   1.00 0.00 ? 17 GLU A C    1 
ATOM   230 O O    . GLU A 1 17 ? 1.522   2.984   7.093   1.00 0.00 ? 17 GLU A O    1 
ATOM   231 C CB   . GLU A 1 17 ? -1.244  2.036   5.621   1.00 0.00 ? 17 GLU A CB   1 
ATOM   232 C CG   . GLU A 1 17 ? -2.735  2.249   5.931   1.00 0.00 ? 17 GLU A CG   1 
ATOM   233 C CD   . GLU A 1 17 ? -3.504  0.921   5.963   1.00 0.00 ? 17 GLU A CD   1 
ATOM   234 O OE1  . GLU A 1 17 ? -3.393  0.186   6.969   1.00 0.00 ? 17 GLU A OE1  1 
ATOM   235 O OE2  . GLU A 1 17 ? -4.213  0.601   4.986   1.00 0.00 ? 17 GLU A OE2  1 
ATOM   236 H H    . GLU A 1 17 ? -0.908  3.748   3.512   1.00 0.00 ? 17 GLU A H    1 
ATOM   237 H HA   . GLU A 1 17 ? -0.685  3.949   6.457   1.00 0.00 ? 17 GLU A HA   1 
ATOM   238 H HB2  . GLU A 1 17 ? -1.115  1.480   4.675   1.00 0.00 ? 17 GLU A HB2  1 
ATOM   239 H HB3  . GLU A 1 17 ? -0.870  1.331   6.393   1.00 0.00 ? 17 GLU A HB3  1 
ATOM   240 H HG2  . GLU A 1 17 ? -2.846  2.747   6.911   1.00 0.00 ? 17 GLU A HG2  1 
ATOM   241 H HG3  . GLU A 1 17 ? -3.192  2.944   5.207   1.00 0.00 ? 17 GLU A HG3  1 
ATOM   242 N N    . ARG A 1 18 ? 1.855   2.373   4.927   1.00 0.00 ? 18 ARG A N    1 
ATOM   243 C CA   . ARG A 1 18 ? 3.296   2.031   5.044   1.00 0.00 ? 18 ARG A CA   1 
ATOM   244 C C    . ARG A 1 18 ? 3.460   0.728   5.868   1.00 0.00 ? 18 ARG A C    1 
ATOM   245 O O    . ARG A 1 18 ? 3.801   0.762   7.054   1.00 0.00 ? 18 ARG A O    1 
ATOM   246 C CB   . ARG A 1 18 ? 4.203   3.208   5.519   1.00 0.00 ? 18 ARG A CB   1 
ATOM   247 C CG   . ARG A 1 18 ? 4.174   4.466   4.612   1.00 0.00 ? 18 ARG A CG   1 
ATOM   248 C CD   . ARG A 1 18 ? 4.818   5.711   5.243   1.00 0.00 ? 18 ARG A CD   1 
ATOM   249 N NE   . ARG A 1 18 ? 3.834   6.412   6.109   1.00 0.00 ? 18 ARG A NE   1 
ATOM   250 C CZ   . ARG A 1 18 ? 3.522   7.718   6.020   1.00 0.00 ? 18 ARG A CZ   1 
ATOM   251 N NH1  . ARG A 1 18 ? 4.215   8.603   5.307   1.00 0.00 ? 18 ARG A NH1  1 
ATOM   252 N NH2  . ARG A 1 18 ? 2.462   8.146   6.680   1.00 0.00 ? 18 ARG A NH2  1 
ATOM   253 H H    . ARG A 1 18 ? 1.367   2.306   4.026   1.00 0.00 ? 18 ARG A H    1 
ATOM   254 H HA   . ARG A 1 18 ? 3.625   1.807   4.012   1.00 0.00 ? 18 ARG A HA   1 
ATOM   255 H HB2  . ARG A 1 18 ? 3.933   3.487   6.553   1.00 0.00 ? 18 ARG A HB2  1 
ATOM   256 H HB3  . ARG A 1 18 ? 5.250   2.856   5.597   1.00 0.00 ? 18 ARG A HB3  1 
ATOM   257 H HG2  . ARG A 1 18 ? 4.686   4.259   3.661   1.00 0.00 ? 18 ARG A HG2  1 
ATOM   258 H HG3  . ARG A 1 18 ? 3.140   4.696   4.296   1.00 0.00 ? 18 ARG A HG3  1 
ATOM   259 H HD2  . ARG A 1 18 ? 5.716   5.440   5.831   1.00 0.00 ? 18 ARG A HD2  1 
ATOM   260 H HD3  . ARG A 1 18 ? 5.189   6.359   4.426   1.00 0.00 ? 18 ARG A HD3  1 
ATOM   261 H HE   . ARG A 1 18 ? 3.192   5.873   6.703   1.00 0.00 ? 18 ARG A HE   1 
ATOM   262 H HH11 . ARG A 1 18 ? 5.039   8.244   4.812   1.00 0.00 ? 18 ARG A HH11 1 
ATOM   263 H HH12 . ARG A 1 18 ? 3.875   9.571   5.317   1.00 0.00 ? 18 ARG A HH12 1 
ATOM   264 H HH21 . ARG A 1 18 ? 1.928   7.437   7.196   1.00 0.00 ? 18 ARG A HH21 1 
ATOM   265 H HH22 . ARG A 1 18 ? 2.228   9.139   6.576   1.00 0.00 ? 18 ARG A HH22 1 
ATOM   266 N N    . ARG A 1 19 ? 3.186   -0.419  5.212   1.00 0.00 ? 19 ARG A N    1 
ATOM   267 C CA   . ARG A 1 19 ? 3.236   -1.756  5.837   1.00 0.00 ? 19 ARG A CA   1 
ATOM   268 C C    . ARG A 1 19 ? 4.687   -2.094  6.213   1.00 0.00 ? 19 ARG A C    1 
ATOM   269 O O    . ARG A 1 19 ? 5.584   -2.046  5.362   1.00 0.00 ? 19 ARG A O    1 
ATOM   270 C CB   . ARG A 1 19 ? 2.668   -2.849  4.887   1.00 0.00 ? 19 ARG A CB   1 
ATOM   271 C CG   . ARG A 1 19 ? 2.246   -4.159  5.594   1.00 0.00 ? 19 ARG A CG   1 
ATOM   272 C CD   . ARG A 1 19 ? 0.923   -3.979  6.362   1.00 0.00 ? 19 ARG A CD   1 
ATOM   273 N NE   . ARG A 1 19 ? 0.576   -5.138  7.216   1.00 0.00 ? 19 ARG A NE   1 
ATOM   274 C CZ   . ARG A 1 19 ? -0.670  -5.635  7.343   1.00 0.00 ? 19 ARG A CZ   1 
ATOM   275 N NH1  . ARG A 1 19 ? -1.668  -5.362  6.505   1.00 0.00 ? 19 ARG A NH1  1 
ATOM   276 N NH2  . ARG A 1 19 ? -0.915  -6.439  8.359   1.00 0.00 ? 19 ARG A NH2  1 
ATOM   277 H H    . ARG A 1 19 ? 2.858   -0.292  4.247   1.00 0.00 ? 19 ARG A H    1 
ATOM   278 H HA   . ARG A 1 19 ? 2.594   -1.701  6.737   1.00 0.00 ? 19 ARG A HA   1 
ATOM   279 H HB2  . ARG A 1 19 ? 1.790   -2.460  4.344   1.00 0.00 ? 19 ARG A HB2  1 
ATOM   280 H HB3  . ARG A 1 19 ? 3.400   -3.087  4.089   1.00 0.00 ? 19 ARG A HB3  1 
ATOM   281 H HG2  . ARG A 1 19 ? 2.126   -4.959  4.841   1.00 0.00 ? 19 ARG A HG2  1 
ATOM   282 H HG3  . ARG A 1 19 ? 3.052   -4.509  6.264   1.00 0.00 ? 19 ARG A HG3  1 
ATOM   283 H HD2  . ARG A 1 19 ? 0.982   -3.101  7.030   1.00 0.00 ? 19 ARG A HD2  1 
ATOM   284 H HD3  . ARG A 1 19 ? 0.129   -3.731  5.633   1.00 0.00 ? 19 ARG A HD3  1 
ATOM   285 H HE   . ARG A 1 19 ? 1.224   -5.459  7.944   1.00 0.00 ? 19 ARG A HE   1 
ATOM   286 H HH11 . ARG A 1 19 ? -1.440  -4.747  5.716   1.00 0.00 ? 19 ARG A HH11 1 
ATOM   287 H HH12 . ARG A 1 19 ? -2.574  -5.799  6.702   1.00 0.00 ? 19 ARG A HH12 1 
ATOM   288 H HH21 . ARG A 1 19 ? -0.139  -6.606  9.009   1.00 0.00 ? 19 ARG A HH21 1 
ATOM   289 H HH22 . ARG A 1 19 ? -1.879  -6.778  8.449   1.00 0.00 ? 19 ARG A HH22 1 
ATOM   290 N N    . LEU A 1 20 ? 4.885   -2.382  7.510   1.00 0.00 ? 20 LEU A N    1 
ATOM   291 C CA   . LEU A 1 20 ? 6.226   -2.697  8.077   1.00 0.00 ? 20 LEU A CA   1 
ATOM   292 C C    . LEU A 1 20 ? 7.073   -1.416  8.387   1.00 0.00 ? 20 LEU A C    1 
ATOM   293 O O    . LEU A 1 20 ? 7.717   -1.386  9.439   1.00 0.00 ? 20 LEU A O    1 
ATOM   294 C CB   . LEU A 1 20 ? 6.986   -3.845  7.327   1.00 0.00 ? 20 LEU A CB   1 
ATOM   295 C CG   . LEU A 1 20 ? 6.134   -5.144  7.094   1.00 0.00 ? 20 LEU A CG   1 
ATOM   296 C CD1  . LEU A 1 20 ? 6.142   -5.633  5.633   1.00 0.00 ? 20 LEU A CD1  1 
ATOM   297 C CD2  . LEU A 1 20 ? 6.457   -6.261  8.097   1.00 0.00 ? 20 LEU A CD2  1 
ATOM   298 H H    . LEU A 1 20 ? 4.028   -2.469  8.066   1.00 0.00 ? 20 LEU A H    1 
ATOM   299 H HA   . LEU A 1 20 ? 5.997   -3.126  9.070   1.00 0.00 ? 20 LEU A HA   1 
ATOM   300 H HB2  . LEU A 1 20 ? 7.359   -3.453  6.361   1.00 0.00 ? 20 LEU A HB2  1 
ATOM   301 H HB3  . LEU A 1 20 ? 7.918   -4.089  7.870   1.00 0.00 ? 20 LEU A HB3  1 
ATOM   302 H HG   . LEU A 1 20 ? 5.073   -4.915  7.287   1.00 0.00 ? 20 LEU A HG   1 
ATOM   303 H HD11 . LEU A 1 20 ? 5.847   -4.823  4.940   1.00 0.00 ? 20 LEU A HD11 1 
ATOM   304 H HD12 . LEU A 1 20 ? 7.132   -6.002  5.307   1.00 0.00 ? 20 LEU A HD12 1 
ATOM   305 H HD13 . LEU A 1 20 ? 5.409   -6.447  5.477   1.00 0.00 ? 20 LEU A HD13 1 
ATOM   306 H HD21 . LEU A 1 20 ? 7.463   -6.689  7.939   1.00 0.00 ? 20 LEU A HD21 1 
ATOM   307 H HD22 . LEU A 1 20 ? 6.410   -5.886  9.136   1.00 0.00 ? 20 LEU A HD22 1 
ATOM   308 H HD23 . LEU A 1 20 ? 5.724   -7.086  8.024   1.00 0.00 ? 20 LEU A HD23 1 
ATOM   309 N N    . SER A 1 21 ? 7.071   -0.378  7.506   1.00 0.00 ? 21 SER A N    1 
ATOM   310 C CA   . SER A 1 21 ? 7.864   0.879   7.645   1.00 0.00 ? 21 SER A CA   1 
ATOM   311 C C    . SER A 1 21 ? 9.371   0.738   7.274   1.00 0.00 ? 21 SER A C    1 
ATOM   312 O O    . SER A 1 21 ? 9.888   1.565   6.517   1.00 0.00 ? 21 SER A O    1 
ATOM   313 C CB   . SER A 1 21 ? 7.604   1.687   8.941   1.00 0.00 ? 21 SER A CB   1 
ATOM   314 O OG   . SER A 1 21 ? 8.188   2.984   8.871   1.00 0.00 ? 21 SER A OG   1 
ATOM   315 H H    . SER A 1 21 ? 6.470   -0.532  6.688   1.00 0.00 ? 21 SER A H    1 
ATOM   316 H HA   . SER A 1 21 ? 7.439   1.529   6.857   1.00 0.00 ? 21 SER A HA   1 
ATOM   317 H HB2  . SER A 1 21 ? 6.518   1.804   9.112   1.00 0.00 ? 21 SER A HB2  1 
ATOM   318 H HB3  . SER A 1 21 ? 8.003   1.160   9.825   1.00 0.00 ? 21 SER A HB3  1 
ATOM   319 H HG   . SER A 1 21 ? 7.660   3.484   8.243   1.00 0.00 ? 21 SER A HG   1 
ATOM   320 N N    . GLY A 1 22 ? 10.060  -0.292  7.803   1.00 0.00 ? 22 GLY A N    1 
ATOM   321 C CA   . GLY A 1 22 ? 11.487  -0.564  7.524   1.00 0.00 ? 22 GLY A CA   1 
ATOM   322 C C    . GLY A 1 22 ? 11.846  -0.889  6.058   1.00 0.00 ? 22 GLY A C    1 
ATOM   323 O O    . GLY A 1 22 ? 12.616  -0.154  5.436   1.00 0.00 ? 22 GLY A O    1 
ATOM   324 H H    . GLY A 1 22 ? 9.475   -0.963  8.314   1.00 0.00 ? 22 GLY A H    1 
ATOM   325 H HA2  . GLY A 1 22 ? 12.096  0.284   7.887   1.00 0.00 ? 22 GLY A HA2  1 
ATOM   326 H HA3  . GLY A 1 22 ? 11.789  -1.420  8.157   1.00 0.00 ? 22 GLY A HA3  1 
ATOM   327 N N    . THR A 1 23 ? 11.280  -1.989  5.534   1.00 0.00 ? 23 THR A N    1 
ATOM   328 C CA   . THR A 1 23 ? 11.540  -2.465  4.143   1.00 0.00 ? 23 THR A CA   1 
ATOM   329 C C    . THR A 1 23 ? 10.728  -1.644  3.073   1.00 0.00 ? 23 THR A C    1 
ATOM   330 O O    . THR A 1 23 ? 9.700   -1.057  3.433   1.00 0.00 ? 23 THR A O    1 
ATOM   331 C CB   . THR A 1 23 ? 11.331  -4.010  4.074   1.00 0.00 ? 23 THR A CB   1 
ATOM   332 O OG1  . THR A 1 23 ? 10.035  -4.384  4.538   1.00 0.00 ? 23 THR A OG1  1 
ATOM   333 C CG2  . THR A 1 23 ? 12.401  -4.799  4.859   1.00 0.00 ? 23 THR A CG2  1 
ATOM   334 H H    . THR A 1 23 ? 10.625  -2.475  6.154   1.00 0.00 ? 23 THR A H    1 
ATOM   335 H HA   . THR A 1 23 ? 12.611  -2.280  3.936   1.00 0.00 ? 23 THR A HA   1 
ATOM   336 H HB   . THR A 1 23 ? 11.408  -4.340  3.022   1.00 0.00 ? 23 THR A HB   1 
ATOM   337 H HG1  . THR A 1 23 ? 10.010  -5.343  4.504   1.00 0.00 ? 23 THR A HG1  1 
ATOM   338 H HG21 . THR A 1 23 ? 13.401  -4.680  4.401   1.00 0.00 ? 23 THR A HG21 1 
ATOM   339 H HG22 . THR A 1 23 ? 12.485  -4.460  5.908   1.00 0.00 ? 23 THR A HG22 1 
ATOM   340 H HG23 . THR A 1 23 ? 12.180  -5.881  4.885   1.00 0.00 ? 23 THR A HG23 1 
ATOM   341 N N    . PRO A 1 24 ? 11.168  -1.493  1.784   1.00 0.00 ? 24 PRO A N    1 
ATOM   342 C CA   . PRO A 1 24 ? 10.819  -0.311  0.952   1.00 0.00 ? 24 PRO A CA   1 
ATOM   343 C C    . PRO A 1 24 ? 9.345   -0.249  0.475   1.00 0.00 ? 24 PRO A C    1 
ATOM   344 O O    . PRO A 1 24 ? 8.883   -1.179  -0.181  1.00 0.00 ? 24 PRO A O    1 
ATOM   345 C CB   . PRO A 1 24 ? 11.786  -0.397  -0.249  1.00 0.00 ? 24 PRO A CB   1 
ATOM   346 C CG   . PRO A 1 24 ? 12.765  -1.541  0.011   1.00 0.00 ? 24 PRO A CG   1 
ATOM   347 C CD   . PRO A 1 24 ? 12.175  -2.368  1.150   1.00 0.00 ? 24 PRO A CD   1 
ATOM   348 H HA   . PRO A 1 24 ? 11.079  0.600   1.529   1.00 0.00 ? 24 PRO A HA   1 
ATOM   349 H HB2  . PRO A 1 24 ? 11.246  -0.594  -1.191  1.00 0.00 ? 24 PRO A HB2  1 
ATOM   350 H HB3  . PRO A 1 24 ? 12.322  0.558   -0.406  1.00 0.00 ? 24 PRO A HB3  1 
ATOM   351 H HG2  . PRO A 1 24 ? 12.923  -2.157  -0.896  1.00 0.00 ? 24 PRO A HG2  1 
ATOM   352 H HG3  . PRO A 1 24 ? 13.754  -1.141  0.301   1.00 0.00 ? 24 PRO A HG3  1 
ATOM   353 H HD2  . PRO A 1 24 ? 11.676  -3.275  0.758   1.00 0.00 ? 24 PRO A HD2  1 
ATOM   354 H HD3  . PRO A 1 24 ? 12.975  -2.705  1.831   1.00 0.00 ? 24 PRO A HD3  1 
ATOM   355 N N    . ILE A 1 25 ? 8.641   0.852   0.779   1.00 0.00 ? 25 ILE A N    1 
ATOM   356 C CA   . ILE A 1 25 ? 7.171   1.007   0.522   1.00 0.00 ? 25 ILE A CA   1 
ATOM   357 C C    . ILE A 1 25 ? 6.727   0.991   -0.979  1.00 0.00 ? 25 ILE A C    1 
ATOM   358 O O    . ILE A 1 25 ? 5.657   0.452   -1.269  1.00 0.00 ? 25 ILE A O    1 
ATOM   359 C CB   . ILE A 1 25 ? 6.647   2.216   1.391   1.00 0.00 ? 25 ILE A CB   1 
ATOM   360 C CG1  . ILE A 1 25 ? 6.366   1.767   2.858   1.00 0.00 ? 25 ILE A CG1  1 
ATOM   361 C CG2  . ILE A 1 25 ? 5.389   2.957   0.858   1.00 0.00 ? 25 ILE A CG2  1 
ATOM   362 C CD1  . ILE A 1 25 ? 7.556   1.667   3.820   1.00 0.00 ? 25 ILE A CD1  1 
ATOM   363 H H    . ILE A 1 25 ? 9.149   1.524   1.363   1.00 0.00 ? 25 ILE A H    1 
ATOM   364 H HA   . ILE A 1 25 ? 6.691   0.094   0.930   1.00 0.00 ? 25 ILE A HA   1 
ATOM   365 H HB   . ILE A 1 25 ? 7.424   3.006   1.409   1.00 0.00 ? 25 ILE A HB   1 
ATOM   366 H HG12 . ILE A 1 25 ? 5.672   2.466   3.332   1.00 0.00 ? 25 ILE A HG12 1 
ATOM   367 H HG13 . ILE A 1 25 ? 5.814   0.810   2.866   1.00 0.00 ? 25 ILE A HG13 1 
ATOM   368 H HG21 . ILE A 1 25 ? 5.208   3.898   1.410   1.00 0.00 ? 25 ILE A HG21 1 
ATOM   369 H HG22 . ILE A 1 25 ? 5.493   3.252   -0.203  1.00 0.00 ? 25 ILE A HG22 1 
ATOM   370 H HG23 . ILE A 1 25 ? 4.470   2.349   0.936   1.00 0.00 ? 25 ILE A HG23 1 
ATOM   371 H HD11 . ILE A 1 25 ? 7.865   2.661   4.191   1.00 0.00 ? 25 ILE A HD11 1 
ATOM   372 H HD12 . ILE A 1 25 ? 7.276   1.058   4.698   1.00 0.00 ? 25 ILE A HD12 1 
ATOM   373 H HD13 . ILE A 1 25 ? 8.443   1.188   3.377   1.00 0.00 ? 25 ILE A HD13 1 
ATOM   374 N N    . SER A 1 26 ? 7.513   1.548   -1.919  1.00 0.00 ? 26 SER A N    1 
ATOM   375 C CA   . SER A 1 26 ? 7.335   1.301   -3.382  1.00 0.00 ? 26 SER A CA   1 
ATOM   376 C C    . SER A 1 26 ? 7.285   -0.204  -3.821  1.00 0.00 ? 26 SER A C    1 
ATOM   377 O O    . SER A 1 26 ? 6.370   -0.614  -4.540  1.00 0.00 ? 26 SER A O    1 
ATOM   378 C CB   . SER A 1 26 ? 8.433   2.092   -4.136  1.00 0.00 ? 26 SER A CB   1 
ATOM   379 O OG   . SER A 1 26 ? 9.747   1.668   -3.773  1.00 0.00 ? 26 SER A OG   1 
ATOM   380 H H    . SER A 1 26 ? 8.352   2.005   -1.550  1.00 0.00 ? 26 SER A H    1 
ATOM   381 H HA   . SER A 1 26 ? 6.367   1.754   -3.672  1.00 0.00 ? 26 SER A HA   1 
ATOM   382 H HB2  . SER A 1 26 ? 8.308   1.984   -5.230  1.00 0.00 ? 26 SER A HB2  1 
ATOM   383 H HB3  . SER A 1 26 ? 8.336   3.175   -3.934  1.00 0.00 ? 26 SER A HB3  1 
ATOM   384 H HG   . SER A 1 26 ? 10.317  2.434   -3.888  1.00 0.00 ? 26 SER A HG   1 
ATOM   385 N N    . PHE A 1 27 ? 8.252   -1.003  -3.341  1.00 0.00 ? 27 PHE A N    1 
ATOM   386 C CA   . PHE A 1 27 ? 8.326   -2.477  -3.553  1.00 0.00 ? 27 PHE A CA   1 
ATOM   387 C C    . PHE A 1 27 ? 7.366   -3.355  -2.686  1.00 0.00 ? 27 PHE A C    1 
ATOM   388 O O    . PHE A 1 27 ? 6.941   -4.418  -3.141  1.00 0.00 ? 27 PHE A O    1 
ATOM   389 C CB   . PHE A 1 27 ? 9.803   -2.903  -3.294  1.00 0.00 ? 27 PHE A CB   1 
ATOM   390 C CG   . PHE A 1 27 ? 10.802  -2.448  -4.375  1.00 0.00 ? 27 PHE A CG   1 
ATOM   391 C CD1  . PHE A 1 27 ? 10.835  -3.117  -5.603  1.00 0.00 ? 27 PHE A CD1  1 
ATOM   392 C CD2  . PHE A 1 27 ? 11.636  -1.340  -4.177  1.00 0.00 ? 27 PHE A CD2  1 
ATOM   393 C CE1  . PHE A 1 27 ? 11.684  -2.682  -6.617  1.00 0.00 ? 27 PHE A CE1  1 
ATOM   394 C CE2  . PHE A 1 27 ? 12.491  -0.913  -5.188  1.00 0.00 ? 27 PHE A CE2  1 
ATOM   395 C CZ   . PHE A 1 27 ? 12.513  -1.583  -6.408  1.00 0.00 ? 27 PHE A CZ   1 
ATOM   396 H H    . PHE A 1 27 ? 8.921   -0.522  -2.728  1.00 0.00 ? 27 PHE A H    1 
ATOM   397 H HA   . PHE A 1 27 ? 8.082   -2.693  -4.611  1.00 0.00 ? 27 PHE A HA   1 
ATOM   398 H HB2  . PHE A 1 27 ? 10.128  -2.554  -2.292  1.00 0.00 ? 27 PHE A HB2  1 
ATOM   399 H HB3  . PHE A 1 27 ? 9.871   -4.005  -3.212  1.00 0.00 ? 27 PHE A HB3  1 
ATOM   400 H HD1  . PHE A 1 27 ? 10.181  -3.959  -5.780  1.00 0.00 ? 27 PHE A HD1  1 
ATOM   401 H HD2  . PHE A 1 27 ? 11.614  -0.785  -3.255  1.00 0.00 ? 27 PHE A HD2  1 
ATOM   402 H HE1  . PHE A 1 27 ? 11.689  -3.194  -7.567  1.00 0.00 ? 27 PHE A HE1  1 
ATOM   403 H HE2  . PHE A 1 27 ? 13.128  -0.055  -5.028  1.00 0.00 ? 27 PHE A HE2  1 
ATOM   404 H HZ   . PHE A 1 27 ? 13.169  -1.244  -7.196  1.00 0.00 ? 27 PHE A HZ   1 
ATOM   405 N N    . ILE A 1 28 ? 7.071   -2.932  -1.448  1.00 0.00 ? 28 ILE A N    1 
ATOM   406 C CA   . ILE A 1 28 ? 6.199   -3.641  -0.465  1.00 0.00 ? 28 ILE A CA   1 
ATOM   407 C C    . ILE A 1 28 ? 4.682   -3.378  -0.708  1.00 0.00 ? 28 ILE A C    1 
ATOM   408 O O    . ILE A 1 28 ? 3.885   -4.301  -0.511  1.00 0.00 ? 28 ILE A O    1 
ATOM   409 C CB   . ILE A 1 28 ? 6.730   -3.294  0.981   1.00 0.00 ? 28 ILE A CB   1 
ATOM   410 C CG1  . ILE A 1 28 ? 8.086   -3.998  1.294   1.00 0.00 ? 28 ILE A CG1  1 
ATOM   411 C CG2  . ILE A 1 28 ? 5.738   -3.452  2.159   1.00 0.00 ? 28 ILE A CG2  1 
ATOM   412 C CD1  . ILE A 1 28 ? 8.039   -5.514  1.558   1.00 0.00 ? 28 ILE A CD1  1 
ATOM   413 H H    . ILE A 1 28 ? 7.456   -2.006  -1.228  1.00 0.00 ? 28 ILE A H    1 
ATOM   414 H HA   . ILE A 1 28 ? 6.329   -4.731  -0.617  1.00 0.00 ? 28 ILE A HA   1 
ATOM   415 H HB   . ILE A 1 28 ? 6.944   -2.209  0.998   1.00 0.00 ? 28 ILE A HB   1 
ATOM   416 H HG12 . ILE A 1 28 ? 8.790   -3.816  0.460   1.00 0.00 ? 28 ILE A HG12 1 
ATOM   417 H HG13 . ILE A 1 28 ? 8.570   -3.503  2.156   1.00 0.00 ? 28 ILE A HG13 1 
ATOM   418 H HG21 . ILE A 1 28 ? 5.206   -4.420  2.137   1.00 0.00 ? 28 ILE A HG21 1 
ATOM   419 H HG22 . ILE A 1 28 ? 6.246   -3.370  3.137   1.00 0.00 ? 28 ILE A HG22 1 
ATOM   420 H HG23 . ILE A 1 28 ? 4.974   -2.653  2.144   1.00 0.00 ? 28 ILE A HG23 1 
ATOM   421 H HD11 . ILE A 1 28 ? 8.981   -6.002  1.248   1.00 0.00 ? 28 ILE A HD11 1 
ATOM   422 H HD12 . ILE A 1 28 ? 7.895   -5.725  2.633   1.00 0.00 ? 28 ILE A HD12 1 
ATOM   423 H HD13 . ILE A 1 28 ? 7.218   -6.016  1.014   1.00 0.00 ? 28 ILE A HD13 1 
ATOM   424 N N    . LEU A 1 29 ? 4.287   -2.157  -1.120  1.00 0.00 ? 29 LEU A N    1 
ATOM   425 C CA   . LEU A 1 29 ? 2.895   -1.858  -1.569  1.00 0.00 ? 29 LEU A CA   1 
ATOM   426 C C    . LEU A 1 29 ? 2.852   -1.532  -3.099  1.00 0.00 ? 29 LEU A C    1 
ATOM   427 O O    . LEU A 1 29 ? 2.248   -0.562  -3.563  1.00 0.00 ? 29 LEU A O    1 
ATOM   428 C CB   . LEU A 1 29 ? 2.317   -0.762  -0.641  1.00 0.00 ? 29 LEU A CB   1 
ATOM   429 C CG   . LEU A 1 29 ? 2.304   -1.146  0.874   1.00 0.00 ? 29 LEU A CG   1 
ATOM   430 C CD1  . LEU A 1 29 ? 2.895   -0.017  1.720   1.00 0.00 ? 29 LEU A CD1  1 
ATOM   431 C CD2  . LEU A 1 29 ? 0.949   -1.687  1.354   1.00 0.00 ? 29 LEU A CD2  1 
ATOM   432 H H    . LEU A 1 29 ? 5.048   -1.481  -1.246  1.00 0.00 ? 29 LEU A H    1 
ATOM   433 H HA   . LEU A 1 29 ? 2.239   -2.743  -1.437  1.00 0.00 ? 29 LEU A HA   1 
ATOM   434 H HB2  . LEU A 1 29 ? 2.888   0.172   -0.813  1.00 0.00 ? 29 LEU A HB2  1 
ATOM   435 H HB3  . LEU A 1 29 ? 1.291   -0.501  -0.966  1.00 0.00 ? 29 LEU A HB3  1 
ATOM   436 H HG   . LEU A 1 29 ? 2.989   -1.991  1.062   1.00 0.00 ? 29 LEU A HG   1 
ATOM   437 H HD11 . LEU A 1 29 ? 2.476   0.974   1.482   1.00 0.00 ? 29 LEU A HD11 1 
ATOM   438 H HD12 . LEU A 1 29 ? 2.727   -0.197  2.784   1.00 0.00 ? 29 LEU A HD12 1 
ATOM   439 H HD13 . LEU A 1 29 ? 3.991   0.041   1.573   1.00 0.00 ? 29 LEU A HD13 1 
ATOM   440 H HD21 . LEU A 1 29 ? 0.130   -0.955  1.242   1.00 0.00 ? 29 LEU A HD21 1 
ATOM   441 H HD22 . LEU A 1 29 ? 0.674   -2.600  0.794   1.00 0.00 ? 29 LEU A HD22 1 
ATOM   442 H HD23 . LEU A 1 29 ? 0.990   -1.982  2.416   1.00 0.00 ? 29 LEU A HD23 1 
ATOM   443 N N    . LEU A 1 30 ? 3.459   -2.462  -3.855  1.00 0.00 ? 30 LEU A N    1 
ATOM   444 C CA   . LEU A 1 30 ? 3.435   -2.590  -5.327  1.00 0.00 ? 30 LEU A CA   1 
ATOM   445 C C    . LEU A 1 30 ? 2.026   -2.553  -5.993  1.00 0.00 ? 30 LEU A C    1 
ATOM   446 O O    . LEU A 1 30 ? 1.021   -2.997  -5.435  1.00 0.00 ? 30 LEU A O    1 
ATOM   447 C CB   . LEU A 1 30 ? 4.169   -3.944  -5.604  1.00 0.00 ? 30 LEU A CB   1 
ATOM   448 C CG   . LEU A 1 30 ? 3.513   -5.255  -5.029  1.00 0.00 ? 30 LEU A CG   1 
ATOM   449 C CD1  . LEU A 1 30 ? 3.439   -6.379  -6.075  1.00 0.00 ? 30 LEU A CD1  1 
ATOM   450 C CD2  . LEU A 1 30 ? 4.163   -5.764  -3.726  1.00 0.00 ? 30 LEU A CD2  1 
ATOM   451 H H    . LEU A 1 30 ? 4.015   -3.120  -3.298  1.00 0.00 ? 30 LEU A H    1 
ATOM   452 H HA   . LEU A 1 30 ? 4.059   -1.773  -5.741  1.00 0.00 ? 30 LEU A HA   1 
ATOM   453 H HB2  . LEU A 1 30 ? 4.299   -4.030  -6.700  1.00 0.00 ? 30 LEU A HB2  1 
ATOM   454 H HB3  . LEU A 1 30 ? 5.217   -3.869  -5.247  1.00 0.00 ? 30 LEU A HB3  1 
ATOM   455 H HG   . LEU A 1 30 ? 2.467   -5.030  -4.756  1.00 0.00 ? 30 LEU A HG   1 
ATOM   456 H HD11 . LEU A 1 30 ? 4.407   -6.539  -6.583  1.00 0.00 ? 30 LEU A HD11 1 
ATOM   457 H HD12 . LEU A 1 30 ? 3.132   -7.342  -5.627  1.00 0.00 ? 30 LEU A HD12 1 
ATOM   458 H HD13 . LEU A 1 30 ? 2.690   -6.135  -6.851  1.00 0.00 ? 30 LEU A HD13 1 
ATOM   459 H HD21 . LEU A 1 30 ? 4.281   -4.955  -2.987  1.00 0.00 ? 30 LEU A HD21 1 
ATOM   460 H HD22 . LEU A 1 30 ? 3.538   -6.536  -3.237  1.00 0.00 ? 30 LEU A HD22 1 
ATOM   461 H HD23 . LEU A 1 30 ? 5.164   -6.204  -3.888  1.00 0.00 ? 30 LEU A HD23 1 
HETATM 462 N N    . NH2 A 1 31 ? 1.928   -2.044  -7.212  1.00 0.00 ? 31 NH2 A N    1 
HETATM 463 H HN1  . NH2 A 1 31 ? 2.793   -1.687  -7.635  1.00 0.00 ? 31 NH2 A HN1  1 
HETATM 464 H HN2  . NH2 A 1 31 ? 1.005   -2.101  -7.653  1.00 0.00 ? 31 NH2 A HN2  1 
# 
